data_5AJT
#
_entry.id   5AJT
#
_cell.length_a   82.540
_cell.length_b   83.170
_cell.length_c   163.652
_cell.angle_alpha   90.00
_cell.angle_beta   94.03
_cell.angle_gamma   90.00
#
_symmetry.space_group_name_H-M   'I 1 2 1'
#
loop_
_entity.id
_entity.type
_entity.pdbx_description
1 polymer 'PHOSPHORIBOHYDROLASE LONELY GUY'
2 non-polymer 1,2-ETHANEDIOL
3 non-polymer 'D(-)-TARTARIC ACID'
4 water water
#
_entity_poly.entity_id   1
_entity_poly.type   'polypeptide(L)'
_entity_poly.pdbx_seq_one_letter_code
;MGSSHHHHHHSSGLVPRGSHMASMTGGQQMGRGSMSSNTPIAGPQGPVNGINTNANTPRAKICVFCGSSGGASPAHMEAA
RQLGRVMAENNIDLVYGGGTVGLMGEVARTVCSINGPESVHGIIPEALVRYERDGTYQTVKDNKQVVPTETVYGRTTVVK
DMHTRKKMMAEEVISGGPGSGFIGLSGGYGTMEEVFEVITWNQLGIHTKGICLLNVEGYWDGILQWINMAAAQGFVQPGN
ETIVVSAGDAEGAVRALREYKVSEATFKLEWGRQ
;
_entity_poly.pdbx_strand_id   A,B,C,D
#
loop_
_chem_comp.id
_chem_comp.type
_chem_comp.name
_chem_comp.formula
EDO non-polymer 1,2-ETHANEDIOL 'C2 H6 O2'
TAR non-polymer 'D(-)-TARTARIC ACID' 'C4 H6 O6'
#
# COMPACT_ATOMS: atom_id res chain seq x y z
N PRO A 58 -4.22 16.49 4.60
CA PRO A 58 -4.15 15.27 5.40
C PRO A 58 -5.34 15.12 6.34
N ARG A 59 -6.16 14.09 6.11
CA ARG A 59 -7.33 13.88 6.95
C ARG A 59 -6.89 13.46 8.35
N ALA A 60 -7.70 13.77 9.35
CA ALA A 60 -7.43 13.35 10.72
C ALA A 60 -7.64 11.85 10.87
N LYS A 61 -6.80 11.21 11.68
CA LYS A 61 -6.92 9.77 11.92
C LYS A 61 -6.98 9.47 13.42
N ILE A 62 -7.97 8.68 13.82
CA ILE A 62 -8.10 8.27 15.21
C ILE A 62 -7.93 6.77 15.37
N CYS A 63 -7.02 6.37 16.24
CA CYS A 63 -6.87 4.96 16.56
C CYS A 63 -7.74 4.64 17.77
N VAL A 64 -8.65 3.70 17.59
CA VAL A 64 -9.55 3.34 18.68
C VAL A 64 -9.14 2.03 19.32
N PHE A 65 -8.79 2.09 20.60
CA PHE A 65 -8.44 0.90 21.37
C PHE A 65 -9.67 0.40 22.13
N CYS A 66 -10.08 -0.83 21.87
CA CYS A 66 -11.24 -1.39 22.56
C CYS A 66 -11.21 -2.93 22.55
N GLY A 67 -12.03 -3.51 23.42
CA GLY A 67 -12.06 -4.96 23.60
C GLY A 67 -12.63 -5.76 22.45
N SER A 68 -12.10 -6.96 22.24
CA SER A 68 -12.65 -7.88 21.26
C SER A 68 -14.04 -8.35 21.67
N SER A 69 -14.30 -8.39 22.97
CA SER A 69 -15.63 -8.74 23.46
C SER A 69 -16.58 -7.55 23.36
N GLY A 70 -17.88 -7.84 23.33
CA GLY A 70 -18.90 -6.81 23.21
C GLY A 70 -19.18 -5.99 24.45
N GLY A 71 -19.07 -6.63 25.61
CA GLY A 71 -19.41 -5.99 26.87
C GLY A 71 -20.81 -6.36 27.32
N ALA A 72 -20.99 -6.52 28.63
CA ALA A 72 -22.25 -6.97 29.19
C ALA A 72 -23.37 -5.97 28.94
N SER A 73 -23.17 -4.74 29.37
CA SER A 73 -24.13 -3.66 29.12
C SER A 73 -24.12 -3.27 27.65
N PRO A 74 -25.31 -2.97 27.09
CA PRO A 74 -25.45 -2.55 25.70
C PRO A 74 -24.81 -1.19 25.43
N ALA A 75 -24.58 -0.44 26.51
CA ALA A 75 -24.07 0.92 26.43
C ALA A 75 -22.70 0.99 25.75
N HIS A 76 -21.86 -0.02 25.96
CA HIS A 76 -20.54 -0.05 25.36
C HIS A 76 -20.61 -0.19 23.83
N MET A 77 -21.44 -1.12 23.37
CA MET A 77 -21.63 -1.35 21.94
C MET A 77 -22.29 -0.15 21.28
N GLU A 78 -23.29 0.41 21.95
CA GLU A 78 -23.96 1.60 21.45
C GLU A 78 -22.98 2.75 21.36
N ALA A 79 -22.10 2.84 22.34
CA ALA A 79 -21.04 3.84 22.35
C ALA A 79 -20.09 3.64 21.17
N ALA A 80 -19.84 2.38 20.83
CA ALA A 80 -19.02 2.09 19.66
C ALA A 80 -19.71 2.63 18.41
N ARG A 81 -21.02 2.39 18.31
CA ARG A 81 -21.79 2.89 17.18
C ARG A 81 -21.72 4.42 17.09
N GLN A 82 -21.97 5.08 18.21
CA GLN A 82 -21.99 6.54 18.25
C GLN A 82 -20.63 7.12 17.89
N LEU A 83 -19.57 6.51 18.41
CA LEU A 83 -18.21 6.96 18.10
C LEU A 83 -17.97 6.82 16.60
N GLY A 84 -18.44 5.72 16.03
CA GLY A 84 -18.31 5.53 14.59
C GLY A 84 -19.03 6.61 13.80
N ARG A 85 -20.23 6.95 14.25
CA ARG A 85 -21.05 7.95 13.59
C ARG A 85 -20.41 9.33 13.64
N VAL A 86 -19.93 9.71 14.82
CA VAL A 86 -19.33 11.02 15.01
C VAL A 86 -18.01 11.13 14.24
N MET A 87 -17.23 10.06 14.27
CA MET A 87 -15.97 10.05 13.52
C MET A 87 -16.24 10.18 12.03
N ALA A 88 -17.23 9.44 11.55
CA ALA A 88 -17.59 9.50 10.14
C ALA A 88 -18.10 10.88 9.71
N GLU A 89 -18.90 11.49 10.58
CA GLU A 89 -19.49 12.80 10.28
C GLU A 89 -18.44 13.90 10.13
N ASN A 90 -17.37 13.82 10.90
CA ASN A 90 -16.31 14.83 10.86
C ASN A 90 -15.20 14.45 9.89
N ASN A 91 -15.46 13.44 9.06
CA ASN A 91 -14.49 12.93 8.10
C ASN A 91 -13.19 12.52 8.77
N ILE A 92 -13.31 11.83 9.89
CA ILE A 92 -12.15 11.29 10.59
C ILE A 92 -11.96 9.81 10.26
N ASP A 93 -10.81 9.48 9.71
CA ASP A 93 -10.51 8.09 9.35
C ASP A 93 -10.14 7.28 10.59
N LEU A 94 -10.34 5.97 10.49
CA LEU A 94 -10.19 5.09 11.64
C LEU A 94 -9.00 4.14 11.52
N VAL A 95 -8.26 4.02 12.61
CA VAL A 95 -7.22 3.01 12.73
C VAL A 95 -7.59 2.11 13.89
N TYR A 96 -7.57 0.80 13.69
CA TYR A 96 -7.97 -0.10 14.76
C TYR A 96 -7.34 -1.49 14.65
N GLY A 97 -7.58 -2.30 15.68
CA GLY A 97 -6.95 -3.60 15.82
C GLY A 97 -7.25 -4.64 14.74
N GLY A 98 -8.34 -4.44 14.00
CA GLY A 98 -8.72 -5.37 12.97
C GLY A 98 -9.78 -6.28 13.57
N GLY A 99 -10.17 -7.33 12.86
CA GLY A 99 -11.17 -8.24 13.39
C GLY A 99 -12.57 -7.73 13.12
N THR A 100 -13.54 -8.64 13.21
CA THR A 100 -14.94 -8.30 13.00
C THR A 100 -15.84 -8.40 14.24
N VAL A 101 -15.27 -8.70 15.40
CA VAL A 101 -16.07 -8.98 16.58
C VAL A 101 -15.83 -7.98 17.71
N GLY A 102 -16.90 -7.63 18.42
CA GLY A 102 -16.84 -6.73 19.55
C GLY A 102 -16.83 -5.27 19.16
N LEU A 103 -16.41 -4.42 20.10
CA LEU A 103 -16.37 -2.97 19.87
C LEU A 103 -15.54 -2.61 18.63
N MET A 104 -14.44 -3.33 18.42
CA MET A 104 -13.57 -3.11 17.27
C MET A 104 -14.38 -3.27 15.98
N GLY A 105 -15.00 -4.44 15.86
CA GLY A 105 -15.80 -4.78 14.71
C GLY A 105 -16.95 -3.82 14.52
N GLU A 106 -17.54 -3.37 15.63
CA GLU A 106 -18.68 -2.47 15.56
C GLU A 106 -18.29 -1.09 15.03
N VAL A 107 -17.23 -0.51 15.62
CA VAL A 107 -16.73 0.80 15.18
C VAL A 107 -16.31 0.75 13.73
N ALA A 108 -15.54 -0.27 13.38
CA ALA A 108 -15.08 -0.46 12.01
C ALA A 108 -16.29 -0.57 11.07
N ARG A 109 -17.29 -1.30 11.51
CA ARG A 109 -18.47 -1.58 10.72
C ARG A 109 -19.26 -0.31 10.42
N THR A 110 -19.50 0.50 11.45
CA THR A 110 -20.25 1.73 11.27
C THR A 110 -19.48 2.76 10.44
N VAL A 111 -18.21 2.95 10.77
CA VAL A 111 -17.38 3.92 10.05
C VAL A 111 -17.29 3.54 8.57
N CYS A 112 -17.09 2.25 8.30
CA CYS A 112 -17.03 1.79 6.92
C CYS A 112 -18.39 1.87 6.23
N SER A 113 -19.46 1.70 7.01
CA SER A 113 -20.81 1.77 6.47
C SER A 113 -21.09 3.18 5.96
N ILE A 114 -20.71 4.17 6.76
CA ILE A 114 -20.92 5.56 6.37
C ILE A 114 -19.96 6.08 5.29
N ASN A 115 -18.66 5.83 5.45
CA ASN A 115 -17.68 6.47 4.57
C ASN A 115 -16.85 5.56 3.66
N GLY A 116 -17.16 4.27 3.63
CA GLY A 116 -16.48 3.36 2.72
C GLY A 116 -15.22 2.73 3.28
N PRO A 117 -14.64 1.78 2.52
CA PRO A 117 -13.46 1.00 2.91
C PRO A 117 -12.21 1.83 3.15
N GLU A 118 -11.96 2.79 2.26
CA GLU A 118 -10.80 3.69 2.37
C GLU A 118 -10.77 4.46 3.69
N SER A 119 -11.91 4.52 4.36
CA SER A 119 -12.01 5.28 5.61
CA SER A 119 -12.02 5.27 5.61
C SER A 119 -11.49 4.50 6.82
N VAL A 120 -11.50 3.18 6.73
CA VAL A 120 -11.06 2.33 7.84
C VAL A 120 -9.78 1.56 7.53
N HIS A 121 -8.81 1.61 8.45
CA HIS A 121 -7.62 0.78 8.35
C HIS A 121 -7.44 -0.07 9.60
N GLY A 122 -7.41 -1.39 9.41
CA GLY A 122 -7.17 -2.32 10.51
C GLY A 122 -5.81 -2.97 10.34
N ILE A 123 -5.09 -3.16 11.45
CA ILE A 123 -3.78 -3.80 11.36
C ILE A 123 -3.77 -5.09 12.17
N ILE A 124 -3.45 -6.19 11.50
CA ILE A 124 -3.54 -7.53 12.08
C ILE A 124 -2.21 -8.27 12.01
N PRO A 125 -1.84 -8.96 13.11
CA PRO A 125 -0.62 -9.77 13.05
C PRO A 125 -0.82 -11.04 12.22
N GLU A 126 0.28 -11.61 11.71
CA GLU A 126 0.21 -12.79 10.87
C GLU A 126 -0.47 -13.97 11.58
N ALA A 127 -0.33 -14.02 12.90
CA ALA A 127 -0.89 -15.10 13.70
C ALA A 127 -2.42 -15.13 13.66
N LEU A 128 -3.04 -13.96 13.50
CA LEU A 128 -4.49 -13.86 13.58
C LEU A 128 -5.10 -13.87 12.18
N VAL A 129 -4.27 -14.15 11.19
CA VAL A 129 -4.72 -14.29 9.81
C VAL A 129 -5.50 -15.59 9.64
N ARG A 130 -6.45 -15.59 8.73
CA ARG A 130 -7.18 -16.80 8.36
C ARG A 130 -6.78 -17.12 6.93
N TYR A 131 -6.74 -18.41 6.58
CA TYR A 131 -6.33 -18.80 5.23
C TYR A 131 -7.47 -19.38 4.39
N GLU A 132 -8.66 -19.43 4.97
CA GLU A 132 -9.84 -19.87 4.24
C GLU A 132 -11.02 -18.93 4.45
N ARG A 133 -11.82 -18.72 3.41
CA ARG A 133 -12.88 -17.74 3.48
C ARG A 133 -14.01 -18.26 4.36
N ASP A 134 -14.48 -17.43 5.27
CA ASP A 134 -15.58 -17.75 6.15
C ASP A 134 -16.21 -16.53 6.77
N GLY A 135 -17.54 -16.47 6.76
CA GLY A 135 -18.25 -15.49 7.56
C GLY A 135 -17.98 -14.08 7.09
N THR A 136 -17.58 -13.25 8.04
CA THR A 136 -17.21 -11.86 7.79
C THR A 136 -15.89 -11.72 7.00
N TYR A 137 -15.06 -12.76 7.04
CA TYR A 137 -13.78 -12.75 6.32
C TYR A 137 -13.95 -13.29 4.90
N GLN A 138 -14.05 -12.40 3.92
CA GLN A 138 -14.29 -12.81 2.54
C GLN A 138 -13.31 -12.27 1.49
N THR A 139 -12.36 -11.44 1.90
CA THR A 139 -11.44 -10.84 0.94
C THR A 139 -10.08 -11.50 0.99
N VAL A 140 -9.57 -11.88 -0.18
CA VAL A 140 -8.33 -12.63 -0.27
C VAL A 140 -7.25 -11.81 -0.98
N LYS A 141 -6.10 -11.66 -0.31
CA LYS A 141 -4.98 -10.94 -0.90
C LYS A 141 -4.21 -11.84 -1.86
N ASP A 142 -3.23 -11.26 -2.56
CA ASP A 142 -2.43 -12.01 -3.51
CA ASP A 142 -2.42 -12.00 -3.51
C ASP A 142 -1.69 -13.15 -2.84
N ASN A 143 -1.28 -12.94 -1.60
CA ASN A 143 -0.57 -13.95 -0.82
C ASN A 143 -1.47 -14.99 -0.16
N LYS A 144 -2.76 -14.92 -0.49
CA LYS A 144 -3.78 -15.90 -0.08
C LYS A 144 -4.13 -15.83 1.39
N GLN A 145 -3.76 -14.71 2.02
CA GLN A 145 -4.22 -14.41 3.36
C GLN A 145 -5.68 -13.95 3.32
N VAL A 146 -6.49 -14.50 4.22
CA VAL A 146 -7.91 -14.16 4.26
C VAL A 146 -8.15 -13.18 5.39
N VAL A 147 -8.77 -12.07 5.04
CA VAL A 147 -8.83 -10.88 5.86
C VAL A 147 -10.31 -10.49 6.00
N PRO A 148 -10.67 -9.67 6.99
CA PRO A 148 -12.08 -9.28 7.04
C PRO A 148 -12.53 -8.54 5.78
N THR A 149 -13.83 -8.61 5.49
CA THR A 149 -14.36 -8.07 4.24
C THR A 149 -14.10 -6.57 4.15
N GLU A 150 -13.44 -6.18 3.07
CA GLU A 150 -13.00 -4.81 2.86
C GLU A 150 -14.20 -3.87 2.73
N THR A 151 -15.24 -4.33 2.03
CA THR A 151 -16.43 -3.53 1.82
C THR A 151 -17.16 -3.26 3.14
N VAL A 152 -17.16 -4.25 4.03
CA VAL A 152 -17.80 -4.11 5.33
C VAL A 152 -16.89 -3.54 6.42
N TYR A 153 -15.62 -3.95 6.44
CA TYR A 153 -14.74 -3.58 7.55
C TYR A 153 -13.50 -2.77 7.14
N GLY A 154 -13.46 -2.33 5.89
CA GLY A 154 -12.38 -1.47 5.43
C GLY A 154 -11.11 -2.21 5.11
N ARG A 155 -10.08 -1.47 4.72
CA ARG A 155 -8.77 -2.05 4.41
C ARG A 155 -8.10 -2.63 5.65
N THR A 156 -7.29 -3.65 5.44
CA THR A 156 -6.51 -4.22 6.52
C THR A 156 -5.11 -4.60 6.04
N THR A 157 -4.13 -4.35 6.89
CA THR A 157 -2.74 -4.66 6.59
C THR A 157 -2.29 -5.74 7.56
N VAL A 158 -1.51 -6.69 7.05
CA VAL A 158 -1.00 -7.75 7.89
C VAL A 158 0.48 -7.59 8.17
N VAL A 159 0.83 -7.61 9.45
CA VAL A 159 2.21 -7.42 9.88
C VAL A 159 2.68 -8.65 10.63
N LYS A 160 4.00 -8.79 10.71
CA LYS A 160 4.62 -9.98 11.24
C LYS A 160 4.33 -10.22 12.73
N ASP A 161 4.60 -9.19 13.52
CA ASP A 161 4.50 -9.31 14.97
CA ASP A 161 4.55 -9.29 14.97
C ASP A 161 3.71 -8.16 15.57
N MET A 162 3.44 -8.26 16.86
CA MET A 162 2.67 -7.26 17.61
C MET A 162 3.36 -5.90 17.67
N HIS A 163 4.68 -5.95 17.76
CA HIS A 163 5.49 -4.74 17.93
C HIS A 163 5.30 -3.78 16.76
N THR A 164 5.51 -4.29 15.56
CA THR A 164 5.36 -3.48 14.37
CA THR A 164 5.35 -3.54 14.33
C THR A 164 3.89 -3.11 14.14
N ARG A 165 2.98 -3.87 14.75
CA ARG A 165 1.56 -3.56 14.68
C ARG A 165 1.23 -2.30 15.47
N LYS A 166 1.67 -2.29 16.73
CA LYS A 166 1.48 -1.15 17.61
C LYS A 166 2.15 0.06 16.99
N LYS A 167 3.38 -0.15 16.52
CA LYS A 167 4.12 0.92 15.88
C LYS A 167 3.41 1.45 14.64
N MET A 168 2.80 0.57 13.85
CA MET A 168 2.11 1.01 12.64
C MET A 168 0.85 1.81 12.94
N MET A 169 0.05 1.33 13.89
CA MET A 169 -1.18 2.05 14.26
C MET A 169 -0.82 3.43 14.80
N ALA A 170 0.16 3.44 15.70
CA ALA A 170 0.63 4.67 16.32
C ALA A 170 1.15 5.61 15.25
N GLU A 171 1.94 5.08 14.32
CA GLU A 171 2.50 5.86 13.22
C GLU A 171 1.42 6.53 12.41
N GLU A 172 0.39 5.75 12.07
CA GLU A 172 -0.70 6.27 11.26
C GLU A 172 -1.41 7.40 12.00
N VAL A 173 -1.58 7.27 13.31
CA VAL A 173 -2.15 8.39 14.05
C VAL A 173 -1.24 9.64 14.08
N ILE A 174 0.04 9.42 14.35
CA ILE A 174 1.01 10.49 14.55
C ILE A 174 1.18 11.37 13.30
N SER A 175 1.12 10.75 12.13
CA SER A 175 1.32 11.47 10.88
C SER A 175 0.02 12.03 10.32
N GLY A 176 -1.06 11.88 11.08
CA GLY A 176 -2.36 12.39 10.68
C GLY A 176 -2.50 13.89 10.82
N GLY A 177 -3.55 14.45 10.23
CA GLY A 177 -3.81 15.87 10.32
C GLY A 177 -4.38 16.26 11.67
N PRO A 178 -4.70 17.55 11.86
CA PRO A 178 -5.21 18.04 13.15
C PRO A 178 -6.49 17.33 13.58
N GLY A 179 -6.61 17.04 14.87
CA GLY A 179 -7.74 16.28 15.37
C GLY A 179 -7.43 14.79 15.47
N SER A 180 -6.29 14.38 14.93
CA SER A 180 -5.85 12.99 15.01
C SER A 180 -5.54 12.63 16.46
N GLY A 181 -5.89 11.41 16.86
CA GLY A 181 -5.74 11.04 18.25
C GLY A 181 -5.89 9.57 18.59
N PHE A 182 -5.75 9.27 19.88
CA PHE A 182 -5.97 7.92 20.39
C PHE A 182 -7.19 7.91 21.31
N ILE A 183 -8.10 6.97 21.07
CA ILE A 183 -9.27 6.82 21.92
C ILE A 183 -9.30 5.43 22.54
N GLY A 184 -9.48 5.39 23.85
CA GLY A 184 -9.64 4.14 24.56
C GLY A 184 -11.09 3.93 24.95
N LEU A 185 -11.77 3.09 24.19
CA LEU A 185 -13.10 2.61 24.54
C LEU A 185 -12.95 1.45 25.51
N SER A 186 -14.07 0.98 26.05
CA SER A 186 -14.04 -0.08 27.05
C SER A 186 -13.30 -1.32 26.52
N GLY A 187 -12.40 -1.85 27.34
CA GLY A 187 -11.54 -2.94 26.93
C GLY A 187 -10.84 -3.58 28.11
N GLY A 188 -10.12 -4.68 27.84
CA GLY A 188 -9.40 -5.39 28.88
C GLY A 188 -7.95 -5.00 29.03
N TYR A 189 -7.13 -5.98 29.40
CA TYR A 189 -5.71 -5.78 29.68
C TYR A 189 -4.93 -5.23 28.48
N GLY A 190 -5.19 -5.79 27.29
CA GLY A 190 -4.45 -5.41 26.10
C GLY A 190 -4.64 -3.96 25.70
N THR A 191 -5.89 -3.52 25.68
CA THR A 191 -6.20 -2.14 25.33
C THR A 191 -5.60 -1.20 26.36
N MET A 192 -5.56 -1.64 27.61
CA MET A 192 -4.93 -0.86 28.66
C MET A 192 -3.45 -0.68 28.41
N GLU A 193 -2.79 -1.78 28.05
CA GLU A 193 -1.37 -1.73 27.75
C GLU A 193 -1.11 -0.81 26.58
N GLU A 194 -1.98 -0.87 25.57
CA GLU A 194 -1.85 -0.01 24.39
C GLU A 194 -1.99 1.47 24.78
N VAL A 195 -3.01 1.77 25.57
CA VAL A 195 -3.27 3.14 26.00
C VAL A 195 -2.11 3.72 26.81
N PHE A 196 -1.66 2.97 27.80
CA PHE A 196 -0.54 3.43 28.61
C PHE A 196 0.75 3.49 27.80
N GLU A 197 0.83 2.65 26.76
CA GLU A 197 1.95 2.70 25.82
C GLU A 197 1.99 4.05 25.10
N VAL A 198 0.88 4.41 24.46
CA VAL A 198 0.85 5.68 23.73
C VAL A 198 0.97 6.88 24.69
N ILE A 199 0.49 6.71 25.92
CA ILE A 199 0.67 7.75 26.94
C ILE A 199 2.15 7.94 27.24
N THR A 200 2.86 6.83 27.41
CA THR A 200 4.29 6.87 27.68
C THR A 200 5.02 7.52 26.51
N TRP A 201 4.56 7.22 25.30
CA TRP A 201 5.14 7.82 24.10
C TRP A 201 4.91 9.32 24.04
N ASN A 202 3.74 9.78 24.48
CA ASN A 202 3.49 11.22 24.58
C ASN A 202 4.42 11.85 25.61
N GLN A 203 4.61 11.14 26.72
CA GLN A 203 5.46 11.63 27.81
C GLN A 203 6.91 11.79 27.38
N LEU A 204 7.39 10.89 26.53
CA LEU A 204 8.77 10.92 26.07
C LEU A 204 9.00 11.92 24.95
N GLY A 205 7.93 12.59 24.52
CA GLY A 205 8.04 13.59 23.47
C GLY A 205 8.12 12.98 22.09
N ILE A 206 7.78 11.71 21.98
CA ILE A 206 7.83 10.99 20.70
C ILE A 206 6.69 11.45 19.80
N HIS A 207 5.54 11.77 20.39
CA HIS A 207 4.40 12.25 19.62
C HIS A 207 3.65 13.31 20.41
N THR A 208 2.90 14.14 19.69
CA THR A 208 2.21 15.27 20.33
CA THR A 208 2.22 15.30 20.28
C THR A 208 0.70 15.14 20.27
N LYS A 209 0.23 13.95 19.90
CA LYS A 209 -1.19 13.64 19.85
C LYS A 209 -1.84 13.39 21.22
N GLY A 210 -3.09 13.82 21.37
CA GLY A 210 -3.84 13.64 22.60
C GLY A 210 -4.44 12.27 22.83
N ILE A 211 -4.65 11.90 24.08
CA ILE A 211 -5.21 10.59 24.40
C ILE A 211 -6.45 10.69 25.27
N CYS A 212 -7.56 10.16 24.75
CA CYS A 212 -8.84 10.30 25.44
C CYS A 212 -9.47 8.95 25.76
N LEU A 213 -9.98 8.84 26.98
CA LEU A 213 -10.70 7.66 27.42
C LEU A 213 -12.19 7.92 27.27
N LEU A 214 -12.85 7.11 26.43
CA LEU A 214 -14.28 7.23 26.26
C LEU A 214 -14.96 6.44 27.36
N ASN A 215 -15.42 7.15 28.38
CA ASN A 215 -15.91 6.53 29.60
C ASN A 215 -17.40 6.17 29.52
N VAL A 216 -17.68 4.88 29.43
CA VAL A 216 -19.04 4.40 29.35
C VAL A 216 -19.51 3.84 30.69
N GLU A 217 -20.51 4.49 31.28
CA GLU A 217 -21.07 4.08 32.56
C GLU A 217 -20.00 3.96 33.65
N GLY A 218 -19.08 4.92 33.67
CA GLY A 218 -18.05 4.96 34.70
C GLY A 218 -17.07 3.81 34.62
N TYR A 219 -16.87 3.29 33.41
CA TYR A 219 -15.99 2.14 33.21
C TYR A 219 -14.53 2.47 33.54
N TRP A 220 -14.08 3.65 33.13
CA TRP A 220 -12.68 4.04 33.28
C TRP A 220 -12.40 4.77 34.58
N ASP A 221 -13.39 4.86 35.45
CA ASP A 221 -13.31 5.71 36.65
C ASP A 221 -12.16 5.38 37.58
N GLY A 222 -11.93 4.08 37.79
CA GLY A 222 -10.85 3.64 38.65
C GLY A 222 -9.50 4.09 38.14
N ILE A 223 -9.35 4.05 36.82
CA ILE A 223 -8.12 4.47 36.18
C ILE A 223 -7.86 5.97 36.32
N LEU A 224 -8.90 6.77 36.13
CA LEU A 224 -8.78 8.22 36.31
C LEU A 224 -8.42 8.52 37.76
N GLN A 225 -9.03 7.77 38.66
CA GLN A 225 -8.76 7.87 40.09
C GLN A 225 -7.29 7.60 40.36
N TRP A 226 -6.76 6.54 39.73
CA TRP A 226 -5.36 6.21 39.87
C TRP A 226 -4.46 7.30 39.30
N ILE A 227 -4.89 7.91 38.19
CA ILE A 227 -4.10 8.98 37.58
C ILE A 227 -4.01 10.15 38.54
N ASN A 228 -5.12 10.49 39.17
CA ASN A 228 -5.13 11.55 40.17
C ASN A 228 -4.21 11.22 41.34
N MET A 229 -4.31 10.00 41.85
CA MET A 229 -3.48 9.59 42.98
C MET A 229 -1.99 9.63 42.65
N ALA A 230 -1.64 9.14 41.47
CA ALA A 230 -0.27 9.11 40.99
C ALA A 230 0.27 10.51 40.76
N ALA A 231 -0.58 11.41 40.30
CA ALA A 231 -0.22 12.80 40.13
C ALA A 231 0.08 13.41 41.48
N ALA A 232 -0.80 13.14 42.44
CA ALA A 232 -0.62 13.64 43.81
C ALA A 232 0.67 13.12 44.43
N GLN A 233 1.04 11.88 44.11
CA GLN A 233 2.24 11.26 44.66
C GLN A 233 3.49 11.58 43.84
N GLY A 234 3.30 12.23 42.70
CA GLY A 234 4.41 12.69 41.88
C GLY A 234 5.02 11.65 40.97
N PHE A 235 4.46 10.45 40.95
CA PHE A 235 4.94 9.40 40.06
C PHE A 235 4.60 9.73 38.61
N VAL A 236 3.53 10.47 38.42
CA VAL A 236 3.28 11.16 37.16
C VAL A 236 3.66 12.62 37.40
N GLN A 237 4.66 13.09 36.66
CA GLN A 237 5.23 14.41 36.92
C GLN A 237 4.22 15.50 36.59
N PRO A 238 4.33 16.66 37.26
CA PRO A 238 3.40 17.76 36.99
C PRO A 238 3.47 18.23 35.54
N GLY A 239 2.31 18.47 34.94
CA GLY A 239 2.24 18.78 33.53
C GLY A 239 2.06 17.54 32.66
N ASN A 240 2.07 16.37 33.29
CA ASN A 240 1.87 15.12 32.57
C ASN A 240 0.55 14.43 32.96
N GLU A 241 -0.13 15.00 33.94
CA GLU A 241 -1.41 14.46 34.40
C GLU A 241 -2.49 14.66 33.35
N THR A 242 -2.27 15.63 32.46
CA THR A 242 -3.29 16.02 31.48
C THR A 242 -3.04 15.40 30.10
N ILE A 243 -2.06 14.49 30.02
CA ILE A 243 -1.78 13.79 28.77
C ILE A 243 -3.01 12.99 28.35
N VAL A 244 -3.68 12.41 29.34
CA VAL A 244 -4.90 11.65 29.10
C VAL A 244 -6.11 12.38 29.69
N VAL A 245 -7.17 12.49 28.90
CA VAL A 245 -8.39 13.14 29.35
C VAL A 245 -9.56 12.20 29.16
N SER A 246 -10.64 12.40 29.89
CA SER A 246 -11.81 11.52 29.78
C SER A 246 -12.98 12.23 29.11
N ALA A 247 -13.88 11.45 28.53
CA ALA A 247 -15.09 12.02 27.92
C ALA A 247 -16.31 11.13 28.16
N GLY A 248 -17.44 11.77 28.49
CA GLY A 248 -18.68 11.06 28.71
C GLY A 248 -19.26 10.46 27.45
N ASP A 249 -19.17 11.20 26.34
CA ASP A 249 -19.73 10.76 25.08
C ASP A 249 -18.70 10.83 23.95
N ALA A 250 -19.10 10.40 22.76
CA ALA A 250 -18.18 10.33 21.62
C ALA A 250 -17.77 11.71 21.12
N GLU A 251 -18.75 12.58 20.93
CA GLU A 251 -18.49 13.94 20.49
CA GLU A 251 -18.50 13.95 20.49
C GLU A 251 -17.53 14.62 21.45
N GLY A 252 -17.72 14.36 22.74
CA GLY A 252 -16.81 14.82 23.78
C GLY A 252 -15.38 14.38 23.52
N ALA A 253 -15.21 13.12 23.17
CA ALA A 253 -13.88 12.55 22.92
C ALA A 253 -13.21 13.18 21.70
N VAL A 254 -13.97 13.28 20.61
CA VAL A 254 -13.44 13.87 19.38
C VAL A 254 -13.04 15.32 19.64
N ARG A 255 -13.88 15.99 20.42
CA ARG A 255 -13.64 17.36 20.80
C ARG A 255 -12.35 17.47 21.59
N ALA A 256 -12.16 16.53 22.52
CA ALA A 256 -10.98 16.52 23.38
C ALA A 256 -9.71 16.32 22.56
N LEU A 257 -9.78 15.42 21.58
CA LEU A 257 -8.64 15.17 20.72
C LEU A 257 -8.32 16.39 19.85
N ARG A 258 -9.36 17.08 19.38
CA ARG A 258 -9.15 18.30 18.59
C ARG A 258 -8.57 19.45 19.42
N GLU A 259 -9.04 19.59 20.66
CA GLU A 259 -8.64 20.70 21.52
CA GLU A 259 -8.65 20.70 21.54
C GLU A 259 -7.25 20.53 22.12
N TYR A 260 -6.81 19.29 22.25
CA TYR A 260 -5.60 18.99 23.00
C TYR A 260 -4.35 19.72 22.53
N LYS A 261 -3.64 20.30 23.49
CA LYS A 261 -2.36 20.96 23.24
C LYS A 261 -1.32 20.44 24.24
N VAL A 262 -0.20 19.92 23.73
CA VAL A 262 0.80 19.30 24.60
C VAL A 262 1.49 20.23 25.60
N SER A 263 1.85 21.43 25.17
CA SER A 263 2.65 22.32 25.99
C SER A 263 1.79 23.09 26.99
N GLU A 264 0.48 22.93 26.89
CA GLU A 264 -0.48 23.71 27.67
C GLU A 264 -0.25 23.58 29.18
N ALA A 265 -0.17 22.35 29.67
CA ALA A 265 0.00 22.10 31.09
C ALA A 265 1.35 22.64 31.56
N THR A 266 2.38 22.37 30.78
CA THR A 266 3.73 22.85 31.08
C THR A 266 3.76 24.37 31.06
N PHE A 267 2.98 24.97 30.15
CA PHE A 267 2.88 26.42 30.08
C PHE A 267 2.27 26.95 31.37
N LYS A 268 1.15 26.36 31.78
CA LYS A 268 0.48 26.79 33.01
C LYS A 268 1.41 26.66 34.21
N LEU A 269 2.18 25.59 34.26
CA LEU A 269 3.10 25.35 35.35
C LEU A 269 4.28 26.33 35.38
N GLU A 270 4.90 26.57 34.23
CA GLU A 270 6.20 27.24 34.18
C GLU A 270 6.21 28.71 33.75
N TRP A 271 5.14 29.18 33.12
CA TRP A 271 5.14 30.53 32.56
C TRP A 271 5.34 31.55 33.67
N GLY A 272 4.70 31.32 34.80
CA GLY A 272 4.83 32.18 35.95
C GLY A 272 6.24 32.21 36.51
N ARG A 273 7.03 31.19 36.18
CA ARG A 273 8.41 31.14 36.63
C ARG A 273 9.40 31.39 35.49
N GLN A 274 8.87 31.50 34.27
CA GLN A 274 9.65 31.81 33.07
C GLN A 274 10.67 30.71 32.76
N PRO B 58 17.87 -23.55 40.23
CA PRO B 58 17.51 -22.23 39.69
C PRO B 58 16.82 -21.34 40.72
N ARG B 59 17.48 -20.25 41.11
CA ARG B 59 16.89 -19.32 42.06
C ARG B 59 15.70 -18.55 41.50
N ALA B 60 14.80 -18.17 42.40
CA ALA B 60 13.63 -17.39 42.04
C ALA B 60 14.04 -15.98 41.66
N LYS B 61 13.38 -15.43 40.67
CA LYS B 61 13.67 -14.08 40.21
C LYS B 61 12.41 -13.24 40.16
N ILE B 62 12.47 -12.06 40.77
CA ILE B 62 11.34 -11.15 40.74
C ILE B 62 11.70 -9.86 40.02
N CYS B 63 10.90 -9.50 39.02
CA CYS B 63 11.08 -8.22 38.36
C CYS B 63 10.19 -7.19 39.04
N VAL B 64 10.81 -6.12 39.53
CA VAL B 64 10.05 -5.09 40.23
C VAL B 64 9.83 -3.86 39.35
N PHE B 65 8.57 -3.56 39.07
CA PHE B 65 8.23 -2.38 38.29
C PHE B 65 7.90 -1.26 39.29
N CYS B 66 8.66 -0.17 39.23
CA CYS B 66 8.46 0.93 40.17
C CYS B 66 8.98 2.27 39.64
N GLY B 67 8.62 3.35 40.32
CA GLY B 67 8.95 4.68 39.88
C GLY B 67 10.42 5.06 39.92
N SER B 68 10.84 5.86 38.94
CA SER B 68 12.16 6.48 38.95
C SER B 68 12.23 7.55 40.03
N SER B 69 11.08 8.17 40.28
CA SER B 69 10.94 9.14 41.37
C SER B 69 10.74 8.44 42.71
N GLY B 70 11.03 9.15 43.80
CA GLY B 70 10.92 8.59 45.13
C GLY B 70 9.50 8.44 45.65
N GLY B 71 8.63 9.38 45.27
CA GLY B 71 7.27 9.39 45.79
C GLY B 71 7.11 10.37 46.92
N ALA B 72 5.95 11.02 46.99
CA ALA B 72 5.72 12.08 47.98
C ALA B 72 5.77 11.53 49.40
N SER B 73 4.94 10.54 49.70
CA SER B 73 4.96 9.90 51.00
C SER B 73 6.19 9.03 51.16
N PRO B 74 6.78 9.02 52.37
CA PRO B 74 7.96 8.20 52.67
C PRO B 74 7.66 6.71 52.65
N ALA B 75 6.38 6.38 52.71
CA ALA B 75 5.90 5.01 52.79
C ALA B 75 6.32 4.20 51.56
N HIS B 76 6.35 4.85 50.39
CA HIS B 76 6.76 4.17 49.17
C HIS B 76 8.22 3.76 49.22
N MET B 77 9.09 4.67 49.67
CA MET B 77 10.51 4.39 49.79
C MET B 77 10.77 3.31 50.82
N GLU B 78 10.08 3.41 51.97
CA GLU B 78 10.21 2.38 53.00
C GLU B 78 9.75 1.03 52.47
N ALA B 79 8.68 1.04 51.67
CA ALA B 79 8.17 -0.17 51.04
C ALA B 79 9.19 -0.77 50.09
N ALA B 80 9.92 0.10 49.39
CA ALA B 80 11.01 -0.35 48.52
C ALA B 80 12.08 -1.04 49.35
N ARG B 81 12.45 -0.42 50.47
CA ARG B 81 13.45 -1.00 51.36
C ARG B 81 13.04 -2.38 51.88
N GLN B 82 11.82 -2.46 52.38
CA GLN B 82 11.30 -3.71 52.93
C GLN B 82 11.20 -4.78 51.84
N LEU B 83 10.78 -4.40 50.64
CA LEU B 83 10.72 -5.36 49.54
C LEU B 83 12.11 -5.90 49.24
N GLY B 84 13.10 -5.02 49.26
CA GLY B 84 14.48 -5.44 49.05
C GLY B 84 14.95 -6.40 50.13
N ARG B 85 14.59 -6.09 51.38
CA ARG B 85 14.99 -6.90 52.52
C ARG B 85 14.37 -8.30 52.48
N VAL B 86 13.08 -8.35 52.17
CA VAL B 86 12.35 -9.61 52.11
C VAL B 86 12.84 -10.45 50.93
N MET B 87 13.07 -9.82 49.79
CA MET B 87 13.57 -10.56 48.63
C MET B 87 14.95 -11.13 48.91
N ALA B 88 15.82 -10.31 49.51
CA ALA B 88 17.18 -10.77 49.83
C ALA B 88 17.17 -11.88 50.87
N GLU B 89 16.29 -11.77 51.86
CA GLU B 89 16.20 -12.75 52.94
C GLU B 89 15.80 -14.12 52.42
N ASN B 90 14.96 -14.15 51.40
CA ASN B 90 14.49 -15.41 50.82
C ASN B 90 15.34 -15.86 49.63
N ASN B 91 16.49 -15.22 49.46
CA ASN B 91 17.40 -15.51 48.36
C ASN B 91 16.74 -15.41 46.99
N ILE B 92 15.94 -14.36 46.81
CA ILE B 92 15.30 -14.09 45.53
C ILE B 92 16.05 -13.01 44.76
N ASP B 93 16.48 -13.34 43.55
CA ASP B 93 17.23 -12.40 42.73
C ASP B 93 16.30 -11.33 42.13
N LEU B 94 16.89 -10.18 41.82
CA LEU B 94 16.10 -9.03 41.40
C LEU B 94 16.34 -8.66 39.94
N VAL B 95 15.25 -8.38 39.24
CA VAL B 95 15.31 -7.83 37.90
C VAL B 95 14.60 -6.48 37.91
N TYR B 96 15.24 -5.44 37.37
CA TYR B 96 14.64 -4.12 37.41
C TYR B 96 15.14 -3.20 36.29
N GLY B 97 14.55 -2.01 36.21
CA GLY B 97 14.81 -1.08 35.13
C GLY B 97 16.23 -0.57 34.99
N GLY B 98 17.00 -0.64 36.07
CA GLY B 98 18.40 -0.23 36.02
C GLY B 98 18.68 1.19 36.51
N GLY B 99 17.73 1.80 37.20
CA GLY B 99 17.93 3.14 37.72
C GLY B 99 18.64 3.16 39.05
N THR B 100 19.22 4.31 39.40
CA THR B 100 19.86 4.48 40.71
C THR B 100 19.07 5.46 41.56
N VAL B 101 17.96 5.95 41.01
CA VAL B 101 17.17 6.98 41.65
C VAL B 101 15.75 6.48 41.90
N GLY B 102 15.18 6.84 43.04
CA GLY B 102 13.81 6.48 43.35
C GLY B 102 13.67 5.05 43.85
N LEU B 103 12.45 4.53 43.78
CA LEU B 103 12.13 3.19 44.24
C LEU B 103 13.00 2.12 43.58
N MET B 104 13.27 2.27 42.29
CA MET B 104 14.11 1.32 41.55
C MET B 104 15.48 1.22 42.18
N GLY B 105 16.12 2.39 42.27
CA GLY B 105 17.45 2.53 42.82
C GLY B 105 17.47 2.02 44.24
N GLU B 106 16.38 2.23 44.96
CA GLU B 106 16.31 1.81 46.35
C GLU B 106 16.27 0.28 46.50
N VAL B 107 15.37 -0.37 45.77
CA VAL B 107 15.25 -1.82 45.82
C VAL B 107 16.57 -2.45 45.40
N ALA B 108 17.11 -1.95 44.29
CA ALA B 108 18.40 -2.46 43.80
C ALA B 108 19.49 -2.28 44.87
N ARG B 109 19.46 -1.12 45.52
CA ARG B 109 20.49 -0.76 46.49
C ARG B 109 20.46 -1.67 47.71
N THR B 110 19.27 -1.90 48.27
CA THR B 110 19.16 -2.75 49.44
C THR B 110 19.45 -4.22 49.10
N VAL B 111 18.87 -4.71 48.01
CA VAL B 111 19.08 -6.11 47.63
C VAL B 111 20.57 -6.37 47.37
N CYS B 112 21.22 -5.44 46.69
CA CYS B 112 22.65 -5.57 46.43
C CYS B 112 23.47 -5.42 47.71
N SER B 113 22.96 -4.62 48.65
CA SER B 113 23.65 -4.43 49.92
C SER B 113 23.69 -5.74 50.69
N ILE B 114 22.55 -6.43 50.73
CA ILE B 114 22.49 -7.70 51.43
C ILE B 114 23.18 -8.88 50.72
N ASN B 115 22.93 -9.06 49.42
CA ASN B 115 23.38 -10.28 48.74
C ASN B 115 24.42 -10.10 47.62
N GLY B 116 24.94 -8.89 47.44
CA GLY B 116 25.99 -8.69 46.46
C GLY B 116 25.52 -8.38 45.05
N PRO B 117 26.46 -8.06 44.16
CA PRO B 117 26.19 -7.66 42.77
C PRO B 117 25.50 -8.75 41.96
N GLU B 118 25.94 -9.99 42.12
CA GLU B 118 25.34 -11.14 41.41
C GLU B 118 23.83 -11.29 41.67
N SER B 119 23.35 -10.69 42.76
CA SER B 119 21.95 -10.78 43.14
C SER B 119 21.03 -9.89 42.29
N VAL B 120 21.56 -8.77 41.82
CA VAL B 120 20.74 -7.78 41.10
C VAL B 120 21.12 -7.68 39.63
N HIS B 121 20.11 -7.72 38.77
CA HIS B 121 20.31 -7.47 37.34
C HIS B 121 19.40 -6.34 36.86
N GLY B 122 20.01 -5.30 36.33
CA GLY B 122 19.26 -4.19 35.75
C GLY B 122 19.43 -4.18 34.24
N ILE B 123 18.36 -3.87 33.51
CA ILE B 123 18.46 -3.82 32.06
C ILE B 123 18.13 -2.41 31.56
N ILE B 124 19.08 -1.83 30.82
CA ILE B 124 18.99 -0.44 30.41
C ILE B 124 19.09 -0.32 28.88
N PRO B 125 18.23 0.50 28.27
CA PRO B 125 18.35 0.73 26.83
C PRO B 125 19.56 1.62 26.52
N GLU B 126 20.08 1.53 25.30
CA GLU B 126 21.24 2.30 24.89
C GLU B 126 21.02 3.80 25.02
N ALA B 127 19.78 4.24 24.87
CA ALA B 127 19.44 5.66 24.93
C ALA B 127 19.72 6.27 26.31
N LEU B 128 19.60 5.45 27.35
CA LEU B 128 19.72 5.94 28.71
C LEU B 128 21.12 5.69 29.29
N VAL B 129 22.04 5.26 28.44
CA VAL B 129 23.42 5.06 28.83
C VAL B 129 24.12 6.40 29.09
N ARG B 130 25.09 6.39 30.01
CA ARG B 130 25.91 7.57 30.27
C ARG B 130 27.32 7.30 29.77
N TYR B 131 28.00 8.35 29.32
CA TYR B 131 29.35 8.17 28.79
C TYR B 131 30.40 8.84 29.65
N GLU B 132 29.98 9.44 30.76
CA GLU B 132 30.94 10.00 31.69
C GLU B 132 30.65 9.58 33.14
N ARG B 133 31.74 9.26 33.83
CA ARG B 133 31.77 8.61 35.13
C ARG B 133 31.49 9.51 36.35
N ASP B 134 30.40 10.27 36.34
CA ASP B 134 30.11 11.11 37.50
C ASP B 134 29.12 10.43 38.44
N GLY B 135 29.37 10.56 39.73
CA GLY B 135 28.43 10.15 40.78
C GLY B 135 28.25 8.67 41.00
N THR B 136 27.00 8.21 41.00
CA THR B 136 26.67 6.80 41.24
C THR B 136 27.16 5.87 40.14
N TYR B 137 27.40 6.42 38.96
CA TYR B 137 27.85 5.65 37.80
C TYR B 137 29.37 5.61 37.77
N GLN B 138 29.94 4.50 38.23
CA GLN B 138 31.40 4.38 38.32
C GLN B 138 31.94 3.16 37.58
N THR B 139 31.05 2.38 36.98
CA THR B 139 31.48 1.15 36.31
C THR B 139 31.50 1.36 34.81
N VAL B 140 32.63 1.03 34.19
CA VAL B 140 32.85 1.31 32.77
C VAL B 140 33.00 0.02 31.95
N LYS B 141 32.21 -0.10 30.89
CA LYS B 141 32.27 -1.28 30.03
C LYS B 141 33.43 -1.17 29.06
N ASP B 142 33.68 -2.24 28.30
CA ASP B 142 34.75 -2.24 27.30
C ASP B 142 34.48 -1.21 26.20
N ASN B 143 33.20 -1.05 25.87
CA ASN B 143 32.77 -0.10 24.85
C ASN B 143 32.66 1.35 25.36
N LYS B 144 33.16 1.57 26.58
CA LYS B 144 33.25 2.89 27.21
C LYS B 144 31.90 3.45 27.64
N GLN B 145 30.89 2.59 27.72
CA GLN B 145 29.62 3.02 28.30
C GLN B 145 29.74 3.08 29.81
N VAL B 146 29.22 4.16 30.41
CA VAL B 146 29.33 4.33 31.86
C VAL B 146 28.00 3.96 32.49
N VAL B 147 28.08 3.05 33.45
CA VAL B 147 26.91 2.31 33.90
C VAL B 147 26.82 2.45 35.44
N PRO B 148 25.66 2.15 36.07
CA PRO B 148 25.70 2.26 37.54
C PRO B 148 26.71 1.35 38.22
N THR B 149 27.16 1.76 39.40
CA THR B 149 28.21 1.04 40.12
C THR B 149 27.77 -0.37 40.47
N GLU B 150 28.56 -1.34 40.03
CA GLU B 150 28.20 -2.75 40.17
C GLU B 150 28.16 -3.20 41.63
N THR B 151 29.11 -2.73 42.42
CA THR B 151 29.18 -3.12 43.84
C THR B 151 27.97 -2.61 44.63
N VAL B 152 27.49 -1.43 44.28
CA VAL B 152 26.32 -0.85 44.95
C VAL B 152 24.99 -1.28 44.31
N TYR B 153 24.93 -1.35 42.98
CA TYR B 153 23.65 -1.58 42.30
C TYR B 153 23.59 -2.86 41.44
N GLY B 154 24.61 -3.71 41.55
CA GLY B 154 24.58 -4.99 40.86
C GLY B 154 24.91 -4.94 39.38
N ARG B 155 24.86 -6.09 38.72
CA ARG B 155 25.11 -6.17 37.29
C ARG B 155 24.04 -5.48 36.45
N THR B 156 24.46 -4.99 35.29
CA THR B 156 23.57 -4.31 34.36
CA THR B 156 23.56 -4.34 34.35
C THR B 156 23.88 -4.73 32.92
N THR B 157 22.84 -4.89 32.10
CA THR B 157 23.02 -5.17 30.69
C THR B 157 22.43 -4.02 29.88
N VAL B 158 23.11 -3.64 28.81
CA VAL B 158 22.60 -2.58 27.95
C VAL B 158 22.11 -3.20 26.64
N VAL B 159 20.86 -2.91 26.31
CA VAL B 159 20.25 -3.46 25.11
C VAL B 159 19.92 -2.30 24.20
N LYS B 160 19.73 -2.57 22.92
CA LYS B 160 19.52 -1.53 21.93
C LYS B 160 18.21 -0.76 22.10
N ASP B 161 17.10 -1.48 22.28
CA ASP B 161 15.80 -0.82 22.34
CA ASP B 161 15.78 -0.87 22.30
C ASP B 161 14.95 -1.29 23.51
N MET B 162 13.81 -0.63 23.69
CA MET B 162 12.89 -0.90 24.78
C MET B 162 12.28 -2.28 24.66
N HIS B 163 12.06 -2.69 23.42
CA HIS B 163 11.40 -3.94 23.08
C HIS B 163 12.17 -5.12 23.66
N THR B 164 13.45 -5.20 23.31
CA THR B 164 14.30 -6.29 23.77
CA THR B 164 14.32 -6.28 23.77
C THR B 164 14.60 -6.16 25.27
N ARG B 165 14.40 -4.97 25.81
CA ARG B 165 14.58 -4.74 27.24
C ARG B 165 13.45 -5.41 28.03
N LYS B 166 12.22 -5.11 27.62
CA LYS B 166 11.04 -5.70 28.24
C LYS B 166 11.10 -7.20 28.05
N LYS B 167 11.46 -7.62 26.83
CA LYS B 167 11.59 -9.04 26.53
C LYS B 167 12.63 -9.72 27.40
N MET B 168 13.76 -9.07 27.65
CA MET B 168 14.81 -9.65 28.47
C MET B 168 14.42 -9.76 29.94
N MET B 169 13.82 -8.71 30.49
CA MET B 169 13.40 -8.74 31.89
C MET B 169 12.36 -9.86 32.08
N ALA B 170 11.38 -9.85 31.18
CA ALA B 170 10.31 -10.83 31.22
C ALA B 170 10.87 -12.24 31.09
N GLU B 171 11.77 -12.44 30.13
CA GLU B 171 12.41 -13.73 29.89
C GLU B 171 13.11 -14.24 31.14
N GLU B 172 13.88 -13.36 31.78
CA GLU B 172 14.58 -13.74 33.00
C GLU B 172 13.64 -14.15 34.09
N VAL B 173 12.54 -13.42 34.24
CA VAL B 173 11.56 -13.82 35.24
C VAL B 173 10.93 -15.18 34.93
N ILE B 174 10.53 -15.35 33.67
CA ILE B 174 9.79 -16.54 33.23
C ILE B 174 10.63 -17.82 33.41
N SER B 175 11.93 -17.71 33.19
CA SER B 175 12.81 -18.87 33.27
C SER B 175 13.35 -19.09 34.68
N GLY B 176 12.86 -18.30 35.63
CA GLY B 176 13.28 -18.42 37.02
C GLY B 176 12.65 -19.61 37.73
N GLY B 177 13.16 -19.93 38.90
CA GLY B 177 12.63 -21.03 39.70
C GLY B 177 11.32 -20.66 40.36
N PRO B 178 10.74 -21.57 41.15
CA PRO B 178 9.44 -21.34 41.79
C PRO B 178 9.44 -20.12 42.70
N GLY B 179 8.34 -19.36 42.69
CA GLY B 179 8.26 -18.12 43.43
C GLY B 179 8.61 -16.92 42.57
N SER B 180 9.12 -17.18 41.37
CA SER B 180 9.42 -16.10 40.43
C SER B 180 8.14 -15.42 39.97
N GLY B 181 8.20 -14.10 39.84
CA GLY B 181 7.00 -13.34 39.54
C GLY B 181 7.30 -11.89 39.16
N PHE B 182 6.24 -11.14 38.91
CA PHE B 182 6.36 -9.72 38.63
C PHE B 182 5.72 -8.91 39.75
N ILE B 183 6.45 -7.90 40.23
CA ILE B 183 5.89 -7.02 41.26
C ILE B 183 5.82 -5.59 40.75
N GLY B 184 4.64 -4.99 40.91
CA GLY B 184 4.45 -3.59 40.58
C GLY B 184 4.38 -2.76 41.85
N LEU B 185 5.48 -2.09 42.16
CA LEU B 185 5.50 -1.08 43.21
C LEU B 185 4.99 0.23 42.62
N SER B 186 4.79 1.23 43.47
CA SER B 186 4.24 2.50 43.03
C SER B 186 5.06 3.11 41.89
N GLY B 187 4.35 3.56 40.85
CA GLY B 187 4.99 4.05 39.64
C GLY B 187 4.01 4.81 38.78
N GLY B 188 4.51 5.41 37.70
CA GLY B 188 3.68 6.17 36.79
C GLY B 188 3.20 5.37 35.59
N TYR B 189 3.08 6.04 34.46
CA TYR B 189 2.56 5.46 33.23
C TYR B 189 3.36 4.24 32.74
N GLY B 190 4.70 4.36 32.78
CA GLY B 190 5.57 3.32 32.27
C GLY B 190 5.46 1.99 33.00
N THR B 191 5.46 2.04 34.33
CA THR B 191 5.33 0.83 35.13
C THR B 191 3.99 0.19 34.88
N MET B 192 2.98 1.02 34.66
CA MET B 192 1.66 0.52 34.34
C MET B 192 1.64 -0.22 33.01
N GLU B 193 2.29 0.36 32.01
CA GLU B 193 2.36 -0.28 30.71
C GLU B 193 3.09 -1.62 30.85
N GLU B 194 4.15 -1.64 31.65
CA GLU B 194 4.90 -2.87 31.89
C GLU B 194 4.04 -3.95 32.56
N VAL B 195 3.34 -3.56 33.61
CA VAL B 195 2.51 -4.47 34.38
C VAL B 195 1.38 -5.05 33.52
N PHE B 196 0.66 -4.18 32.81
CA PHE B 196 -0.41 -4.66 31.94
C PHE B 196 0.14 -5.48 30.78
N GLU B 197 1.37 -5.19 30.38
CA GLU B 197 2.03 -6.00 29.37
C GLU B 197 2.22 -7.44 29.86
N VAL B 198 2.85 -7.60 31.03
CA VAL B 198 3.06 -8.96 31.52
C VAL B 198 1.74 -9.64 31.89
N ILE B 199 0.73 -8.85 32.28
CA ILE B 199 -0.60 -9.40 32.53
C ILE B 199 -1.19 -9.96 31.25
N THR B 200 -1.08 -9.20 30.16
CA THR B 200 -1.57 -9.63 28.86
C THR B 200 -0.84 -10.89 28.42
N TRP B 201 0.45 -10.95 28.70
CA TRP B 201 1.24 -12.14 28.38
C TRP B 201 0.81 -13.36 29.18
N ASN B 202 0.44 -13.16 30.45
CA ASN B 202 -0.11 -14.26 31.24
C ASN B 202 -1.43 -14.73 30.64
N GLN B 203 -2.25 -13.76 30.22
CA GLN B 203 -3.56 -14.05 29.64
C GLN B 203 -3.43 -14.82 28.32
N LEU B 204 -2.40 -14.52 27.55
CA LEU B 204 -2.20 -15.16 26.25
C LEU B 204 -1.58 -16.55 26.40
N GLY B 205 -1.27 -16.94 27.64
CA GLY B 205 -0.70 -18.24 27.92
C GLY B 205 0.78 -18.35 27.63
N ILE B 206 1.44 -17.20 27.45
CA ILE B 206 2.86 -17.18 27.15
C ILE B 206 3.70 -17.54 28.38
N HIS B 207 3.24 -17.13 29.55
CA HIS B 207 3.93 -17.46 30.80
C HIS B 207 2.94 -17.70 31.94
N THR B 208 3.40 -18.44 32.94
CA THR B 208 2.54 -18.85 34.05
C THR B 208 2.88 -18.14 35.36
N LYS B 209 3.74 -17.12 35.28
CA LYS B 209 4.20 -16.41 36.47
C LYS B 209 3.15 -15.47 37.04
N GLY B 210 3.13 -15.34 38.36
CA GLY B 210 2.18 -14.48 39.04
C GLY B 210 2.54 -13.00 39.00
N ILE B 211 1.52 -12.15 39.10
CA ILE B 211 1.72 -10.71 39.10
C ILE B 211 1.07 -10.05 40.31
N CYS B 212 1.89 -9.38 41.11
CA CYS B 212 1.41 -8.78 42.35
C CYS B 212 1.67 -7.28 42.40
N LEU B 213 0.66 -6.53 42.83
CA LEU B 213 0.75 -5.10 43.02
C LEU B 213 1.05 -4.82 44.49
N LEU B 214 2.18 -4.21 44.76
CA LEU B 214 2.49 -3.85 46.14
C LEU B 214 1.84 -2.52 46.45
N ASN B 215 0.70 -2.59 47.13
CA ASN B 215 -0.15 -1.42 47.33
C ASN B 215 0.23 -0.64 48.58
N VAL B 216 0.80 0.54 48.36
CA VAL B 216 1.22 1.39 49.46
C VAL B 216 0.24 2.55 49.67
N GLU B 217 -0.38 2.57 50.84
CA GLU B 217 -1.36 3.61 51.19
C GLU B 217 -2.46 3.75 50.15
N GLY B 218 -2.95 2.61 49.67
CA GLY B 218 -4.06 2.59 48.73
C GLY B 218 -3.74 3.19 47.38
N TYR B 219 -2.47 3.12 46.99
CA TYR B 219 -2.02 3.69 45.73
C TYR B 219 -2.62 2.99 44.52
N TRP B 220 -2.70 1.66 44.57
CA TRP B 220 -3.15 0.87 43.43
C TRP B 220 -4.66 0.63 43.44
N ASP B 221 -5.35 1.26 44.39
CA ASP B 221 -6.76 0.97 44.63
C ASP B 221 -7.65 1.19 43.41
N GLY B 222 -7.41 2.29 42.69
CA GLY B 222 -8.19 2.61 41.52
C GLY B 222 -8.08 1.55 40.44
N ILE B 223 -6.87 1.02 40.28
CA ILE B 223 -6.62 -0.02 39.28
C ILE B 223 -7.33 -1.32 39.62
N LEU B 224 -7.29 -1.72 40.88
CA LEU B 224 -8.00 -2.92 41.33
C LEU B 224 -9.50 -2.71 41.13
N GLN B 225 -9.96 -1.49 41.40
CA GLN B 225 -11.34 -1.10 41.18
C GLN B 225 -11.72 -1.32 39.73
N TRP B 226 -10.85 -0.86 38.83
CA TRP B 226 -11.08 -1.04 37.41
C TRP B 226 -11.07 -2.51 37.01
N ILE B 227 -10.20 -3.29 37.62
CA ILE B 227 -10.13 -4.72 37.32
C ILE B 227 -11.45 -5.37 37.69
N ASN B 228 -11.98 -4.99 38.84
CA ASN B 228 -13.28 -5.47 39.28
C ASN B 228 -14.39 -5.08 38.30
N MET B 229 -14.40 -3.82 37.90
CA MET B 229 -15.41 -3.33 36.96
C MET B 229 -15.36 -4.05 35.61
N ALA B 230 -14.15 -4.23 35.10
CA ALA B 230 -13.91 -4.90 33.83
C ALA B 230 -14.30 -6.36 33.89
N ALA B 231 -14.06 -6.97 35.06
CA ALA B 231 -14.46 -8.35 35.30
C ALA B 231 -15.97 -8.46 35.26
N ALA B 232 -16.64 -7.52 35.94
CA ALA B 232 -18.10 -7.48 35.96
C ALA B 232 -18.66 -7.29 34.55
N GLN B 233 -17.96 -6.50 33.74
CA GLN B 233 -18.41 -6.22 32.38
C GLN B 233 -17.94 -7.26 31.37
N GLY B 234 -17.11 -8.20 31.84
CA GLY B 234 -16.69 -9.31 31.01
C GLY B 234 -15.56 -9.02 30.04
N PHE B 235 -15.01 -7.81 30.09
CA PHE B 235 -13.87 -7.47 29.24
C PHE B 235 -12.63 -8.22 29.72
N VAL B 236 -12.60 -8.52 31.02
CA VAL B 236 -11.68 -9.51 31.53
C VAL B 236 -12.45 -10.80 31.77
N GLN B 237 -12.10 -11.86 31.06
CA GLN B 237 -12.84 -13.10 31.09
C GLN B 237 -12.77 -13.76 32.46
N PRO B 238 -13.80 -14.53 32.83
CA PRO B 238 -13.78 -15.21 34.13
C PRO B 238 -12.61 -16.19 34.23
N GLY B 239 -11.93 -16.20 35.38
CA GLY B 239 -10.72 -16.97 35.54
C GLY B 239 -9.47 -16.18 35.17
N ASN B 240 -9.68 -14.95 34.71
CA ASN B 240 -8.57 -14.07 34.36
C ASN B 240 -8.51 -12.86 35.28
N GLU B 241 -9.50 -12.74 36.16
CA GLU B 241 -9.56 -11.65 37.12
C GLU B 241 -8.46 -11.76 38.18
N THR B 242 -7.96 -12.97 38.37
CA THR B 242 -7.01 -13.25 39.45
C THR B 242 -5.56 -13.31 38.97
N ILE B 243 -5.32 -12.93 37.71
CA ILE B 243 -3.97 -12.90 37.17
C ILE B 243 -3.12 -11.93 37.97
N VAL B 244 -3.72 -10.82 38.37
CA VAL B 244 -3.05 -9.84 39.20
C VAL B 244 -3.68 -9.81 40.59
N VAL B 245 -2.84 -9.85 41.62
CA VAL B 245 -3.29 -9.82 43.00
C VAL B 245 -2.61 -8.67 43.72
N SER B 246 -3.20 -8.18 44.81
CA SER B 246 -2.60 -7.07 45.53
C SER B 246 -2.06 -7.51 46.90
N ALA B 247 -1.10 -6.75 47.42
CA ALA B 247 -0.57 -7.02 48.75
C ALA B 247 -0.29 -5.73 49.51
N GLY B 248 -0.64 -5.72 50.78
CA GLY B 248 -0.40 -4.57 51.64
C GLY B 248 1.07 -4.36 51.93
N ASP B 249 1.80 -5.45 52.13
CA ASP B 249 3.21 -5.39 52.48
C ASP B 249 4.07 -6.23 51.53
N ALA B 250 5.38 -6.17 51.73
CA ALA B 250 6.33 -6.85 50.85
C ALA B 250 6.27 -8.36 51.00
N GLU B 251 6.31 -8.83 52.24
CA GLU B 251 6.21 -10.25 52.54
CA GLU B 251 6.21 -10.25 52.54
C GLU B 251 4.94 -10.82 51.92
N GLY B 252 3.85 -10.05 52.02
CA GLY B 252 2.59 -10.39 51.37
C GLY B 252 2.77 -10.61 49.88
N ALA B 253 3.49 -9.72 49.22
CA ALA B 253 3.71 -9.79 47.77
C ALA B 253 4.54 -11.01 47.38
N VAL B 254 5.66 -11.22 48.06
CA VAL B 254 6.53 -12.35 47.77
C VAL B 254 5.77 -13.66 47.98
N ARG B 255 4.99 -13.68 49.05
CA ARG B 255 4.16 -14.83 49.40
C ARG B 255 3.14 -15.08 48.31
N ALA B 256 2.57 -14.00 47.78
CA ALA B 256 1.57 -14.07 46.73
C ALA B 256 2.17 -14.66 45.47
N LEU B 257 3.40 -14.25 45.16
CA LEU B 257 4.09 -14.78 43.99
C LEU B 257 4.44 -16.26 44.17
N ARG B 258 4.82 -16.66 45.38
CA ARG B 258 5.12 -18.06 45.64
C ARG B 258 3.88 -18.96 45.58
N GLU B 259 2.76 -18.45 46.10
CA GLU B 259 1.51 -19.20 46.17
C GLU B 259 0.83 -19.39 44.81
N TYR B 260 1.04 -18.43 43.90
CA TYR B 260 0.23 -18.30 42.70
C TYR B 260 0.19 -19.52 41.78
N LYS B 261 -1.01 -19.89 41.35
CA LYS B 261 -1.22 -20.94 40.36
C LYS B 261 -2.17 -20.44 39.25
N VAL B 262 -1.73 -20.55 38.01
CA VAL B 262 -2.50 -20.05 36.87
CA VAL B 262 -2.50 -20.03 36.88
C VAL B 262 -3.84 -20.74 36.68
N SER B 263 -3.87 -22.06 36.85
CA SER B 263 -5.08 -22.84 36.59
C SER B 263 -6.08 -22.80 37.74
N GLU B 264 -5.67 -22.20 38.86
CA GLU B 264 -6.46 -22.23 40.08
C GLU B 264 -7.87 -21.63 39.92
N ALA B 265 -7.95 -20.43 39.35
CA ALA B 265 -9.23 -19.76 39.19
C ALA B 265 -10.14 -20.54 38.24
N THR B 266 -9.57 -20.99 37.13
CA THR B 266 -10.31 -21.77 36.15
C THR B 266 -10.76 -23.10 36.77
N PHE B 267 -9.90 -23.65 37.64
CA PHE B 267 -10.24 -24.88 38.35
C PHE B 267 -11.46 -24.66 39.24
N LYS B 268 -11.41 -23.60 40.04
CA LYS B 268 -12.52 -23.26 40.94
C LYS B 268 -13.80 -23.02 40.16
N LEU B 269 -13.66 -22.38 39.01
CA LEU B 269 -14.80 -22.07 38.15
C LEU B 269 -15.44 -23.33 37.52
N GLU B 270 -14.61 -24.23 37.00
CA GLU B 270 -15.11 -25.29 36.12
C GLU B 270 -15.19 -26.68 36.75
N TRP B 271 -14.46 -26.93 37.83
CA TRP B 271 -14.35 -28.30 38.36
C TRP B 271 -15.67 -28.91 38.83
N GLY B 272 -16.49 -28.12 39.52
CA GLY B 272 -17.77 -28.61 39.99
C GLY B 272 -18.70 -28.95 38.84
N ARG B 273 -18.43 -28.36 37.68
CA ARG B 273 -19.20 -28.64 36.48
C ARG B 273 -18.40 -29.38 35.41
N GLN B 274 -17.11 -29.60 35.68
CA GLN B 274 -16.15 -30.21 34.75
C GLN B 274 -15.90 -29.27 33.57
N PRO C 58 -12.85 -20.05 -47.25
CA PRO C 58 -11.95 -19.37 -46.31
C PRO C 58 -12.49 -19.37 -44.87
N ARG C 59 -11.80 -20.08 -43.98
CA ARG C 59 -12.18 -20.17 -42.57
CA ARG C 59 -12.27 -20.15 -42.60
C ARG C 59 -12.01 -18.85 -41.86
N ALA C 60 -12.86 -18.58 -40.86
CA ALA C 60 -12.73 -17.36 -40.06
C ALA C 60 -11.51 -17.46 -39.16
N LYS C 61 -10.81 -16.35 -39.00
CA LYS C 61 -9.63 -16.30 -38.13
C LYS C 61 -9.72 -15.15 -37.14
N ILE C 62 -9.51 -15.46 -35.87
CA ILE C 62 -9.50 -14.44 -34.84
C ILE C 62 -8.15 -14.35 -34.16
N CYS C 63 -7.58 -13.15 -34.13
CA CYS C 63 -6.34 -12.94 -33.40
C CYS C 63 -6.67 -12.48 -31.99
N VAL C 64 -6.19 -13.23 -31.00
CA VAL C 64 -6.47 -12.89 -29.62
C VAL C 64 -5.26 -12.24 -28.97
N PHE C 65 -5.44 -10.99 -28.55
CA PHE C 65 -4.40 -10.27 -27.83
C PHE C 65 -4.64 -10.43 -26.34
N CYS C 66 -3.68 -11.02 -25.64
CA CYS C 66 -3.82 -11.25 -24.21
C CYS C 66 -2.47 -11.36 -23.53
N GLY C 67 -2.48 -11.30 -22.20
CA GLY C 67 -1.25 -11.30 -21.42
C GLY C 67 -0.50 -12.62 -21.43
N SER C 68 0.82 -12.52 -21.37
CA SER C 68 1.68 -13.69 -21.20
C SER C 68 1.52 -14.27 -19.80
N SER C 69 1.21 -13.41 -18.83
CA SER C 69 0.92 -13.84 -17.47
C SER C 69 -0.52 -14.36 -17.35
N GLY C 70 -0.78 -15.16 -16.32
CA GLY C 70 -2.08 -15.75 -16.12
C GLY C 70 -3.17 -14.82 -15.57
N GLY C 71 -2.78 -13.88 -14.72
CA GLY C 71 -3.75 -13.00 -14.08
C GLY C 71 -4.09 -13.45 -12.67
N ALA C 72 -4.29 -12.47 -11.79
CA ALA C 72 -4.53 -12.76 -10.37
C ALA C 72 -5.83 -13.55 -10.16
N SER C 73 -6.94 -12.99 -10.62
CA SER C 73 -8.23 -13.68 -10.56
C SER C 73 -8.27 -14.85 -11.55
N PRO C 74 -8.90 -15.97 -11.13
CA PRO C 74 -9.03 -17.16 -11.98
C PRO C 74 -9.94 -16.91 -13.19
N ALA C 75 -10.73 -15.85 -13.10
CA ALA C 75 -11.72 -15.51 -14.12
C ALA C 75 -11.10 -15.25 -15.49
N HIS C 76 -9.90 -14.67 -15.51
CA HIS C 76 -9.22 -14.37 -16.77
C HIS C 76 -8.83 -15.66 -17.51
N MET C 77 -8.24 -16.60 -16.78
CA MET C 77 -7.87 -17.90 -17.35
C MET C 77 -9.11 -18.67 -17.77
N GLU C 78 -10.14 -18.63 -16.94
CA GLU C 78 -11.39 -19.29 -17.28
C GLU C 78 -11.96 -18.71 -18.56
N ALA C 79 -11.84 -17.40 -18.70
CA ALA C 79 -12.27 -16.69 -19.90
C ALA C 79 -11.46 -17.12 -21.11
N ALA C 80 -10.16 -17.38 -20.90
CA ALA C 80 -9.33 -17.91 -21.97
C ALA C 80 -9.83 -19.27 -22.43
N ARG C 81 -10.13 -20.13 -21.45
CA ARG C 81 -10.66 -21.47 -21.73
C ARG C 81 -11.95 -21.38 -22.52
N GLN C 82 -12.87 -20.55 -22.04
CA GLN C 82 -14.18 -20.40 -22.65
C GLN C 82 -14.06 -19.84 -24.06
N LEU C 83 -13.19 -18.85 -24.26
CA LEU C 83 -12.97 -18.28 -25.59
C LEU C 83 -12.43 -19.34 -26.55
N GLY C 84 -11.51 -20.17 -26.04
CA GLY C 84 -10.99 -21.26 -26.85
C GLY C 84 -12.10 -22.21 -27.26
N ARG C 85 -12.98 -22.49 -26.30
CA ARG C 85 -14.07 -23.43 -26.51
CA ARG C 85 -14.09 -23.42 -26.50
C ARG C 85 -15.08 -22.91 -27.54
N VAL C 86 -15.45 -21.63 -27.42
CA VAL C 86 -16.39 -21.00 -28.34
C VAL C 86 -15.81 -20.86 -29.73
N MET C 87 -14.54 -20.47 -29.81
CA MET C 87 -13.87 -20.34 -31.11
C MET C 87 -13.77 -21.69 -31.81
N ALA C 88 -13.39 -22.72 -31.06
CA ALA C 88 -13.27 -24.05 -31.61
C ALA C 88 -14.63 -24.61 -32.05
N GLU C 89 -15.66 -24.33 -31.27
CA GLU C 89 -17.01 -24.83 -31.58
C GLU C 89 -17.54 -24.27 -32.88
N ASN C 90 -17.20 -23.02 -33.18
CA ASN C 90 -17.67 -22.36 -34.40
C ASN C 90 -16.69 -22.51 -35.56
N ASN C 91 -15.71 -23.40 -35.40
CA ASN C 91 -14.68 -23.65 -36.40
C ASN C 91 -13.94 -22.38 -36.78
N ILE C 92 -13.59 -21.58 -35.77
CA ILE C 92 -12.81 -20.37 -35.97
C ILE C 92 -11.34 -20.62 -35.63
N ASP C 93 -10.46 -20.39 -36.60
CA ASP C 93 -9.03 -20.58 -36.38
C ASP C 93 -8.44 -19.45 -35.56
N LEU C 94 -7.34 -19.74 -34.88
CA LEU C 94 -6.77 -18.82 -33.91
C LEU C 94 -5.41 -18.26 -34.36
N VAL C 95 -5.24 -16.95 -34.18
CA VAL C 95 -3.96 -16.30 -34.37
C VAL C 95 -3.53 -15.68 -33.05
N TYR C 96 -2.30 -15.95 -32.61
CA TYR C 96 -1.85 -15.44 -31.32
C TYR C 96 -0.34 -15.29 -31.21
N GLY C 97 0.11 -14.76 -30.08
CA GLY C 97 1.51 -14.42 -29.86
C GLY C 97 2.52 -15.55 -29.88
N GLY C 98 2.06 -16.78 -29.68
CA GLY C 98 2.95 -17.93 -29.74
C GLY C 98 3.47 -18.42 -28.39
N GLY C 99 2.98 -17.85 -27.30
CA GLY C 99 3.40 -18.24 -25.98
C GLY C 99 2.79 -19.54 -25.49
N THR C 100 3.41 -20.16 -24.50
CA THR C 100 2.88 -21.35 -23.87
C THR C 100 2.45 -21.06 -22.44
N VAL C 101 2.59 -19.80 -22.05
CA VAL C 101 2.34 -19.40 -20.67
C VAL C 101 1.24 -18.34 -20.64
N GLY C 102 0.37 -18.43 -19.64
CA GLY C 102 -0.68 -17.45 -19.47
C GLY C 102 -1.87 -17.63 -20.38
N LEU C 103 -2.64 -16.55 -20.54
CA LEU C 103 -3.83 -16.55 -21.37
C LEU C 103 -3.55 -17.00 -22.80
N MET C 104 -2.41 -16.55 -23.35
CA MET C 104 -2.02 -16.92 -24.71
C MET C 104 -1.90 -18.44 -24.82
N GLY C 105 -1.07 -19.00 -23.94
CA GLY C 105 -0.81 -20.42 -23.91
C GLY C 105 -2.07 -21.21 -23.70
N GLU C 106 -2.97 -20.71 -22.85
CA GLU C 106 -4.22 -21.43 -22.59
C GLU C 106 -5.17 -21.42 -23.78
N VAL C 107 -5.40 -20.25 -24.38
CA VAL C 107 -6.30 -20.17 -25.53
C VAL C 107 -5.77 -21.10 -26.63
N ALA C 108 -4.46 -20.99 -26.88
CA ALA C 108 -3.83 -21.85 -27.87
C ALA C 108 -4.03 -23.33 -27.52
N ARG C 109 -3.88 -23.63 -26.23
CA ARG C 109 -3.93 -25.00 -25.74
C ARG C 109 -5.30 -25.63 -25.93
N THR C 110 -6.36 -24.92 -25.55
CA THR C 110 -7.72 -25.44 -25.69
C THR C 110 -8.13 -25.51 -27.15
N VAL C 111 -7.87 -24.44 -27.91
CA VAL C 111 -8.25 -24.44 -29.33
C VAL C 111 -7.57 -25.59 -30.06
N CYS C 112 -6.28 -25.80 -29.78
CA CYS C 112 -5.55 -26.90 -30.39
C CYS C 112 -6.01 -28.27 -29.88
N SER C 113 -6.44 -28.32 -28.62
CA SER C 113 -6.90 -29.55 -28.01
C SER C 113 -8.16 -30.03 -28.71
N ILE C 114 -9.07 -29.10 -28.96
CA ILE C 114 -10.31 -29.45 -29.64
C ILE C 114 -10.16 -29.74 -31.15
N ASN C 115 -9.45 -28.89 -31.88
CA ASN C 115 -9.45 -28.98 -33.34
C ASN C 115 -8.12 -29.31 -34.02
N GLY C 116 -7.09 -29.62 -33.23
CA GLY C 116 -5.82 -30.03 -33.81
C GLY C 116 -4.89 -28.86 -34.11
N PRO C 117 -3.64 -29.16 -34.52
CA PRO C 117 -2.59 -28.16 -34.75
C PRO C 117 -2.91 -27.17 -35.86
N GLU C 118 -3.47 -27.64 -36.97
CA GLU C 118 -3.83 -26.79 -38.10
C GLU C 118 -4.78 -25.66 -37.72
N SER C 119 -5.46 -25.80 -36.59
CA SER C 119 -6.42 -24.80 -36.12
C SER C 119 -5.74 -23.57 -35.53
N VAL C 120 -4.54 -23.74 -34.97
CA VAL C 120 -3.86 -22.66 -34.26
C VAL C 120 -2.58 -22.21 -34.97
N HIS C 121 -2.44 -20.90 -35.15
CA HIS C 121 -1.20 -20.33 -35.66
C HIS C 121 -0.65 -19.28 -34.70
N GLY C 122 0.58 -19.49 -34.22
CA GLY C 122 1.25 -18.54 -33.36
C GLY C 122 2.42 -17.90 -34.09
N ILE C 123 2.65 -16.61 -33.87
CA ILE C 123 3.77 -15.96 -34.53
C ILE C 123 4.76 -15.41 -33.51
N ILE C 124 6.01 -15.84 -33.62
CA ILE C 124 7.04 -15.53 -32.63
C ILE C 124 8.23 -14.83 -33.28
N PRO C 125 8.75 -13.78 -32.64
CA PRO C 125 9.96 -13.14 -33.17
C PRO C 125 11.19 -14.01 -32.94
N GLU C 126 12.22 -13.81 -33.75
CA GLU C 126 13.45 -14.60 -33.67
C GLU C 126 14.07 -14.51 -32.27
N ALA C 127 13.88 -13.38 -31.62
CA ALA C 127 14.46 -13.13 -30.30
C ALA C 127 13.94 -14.06 -29.21
N LEU C 128 12.70 -14.50 -29.34
CA LEU C 128 12.07 -15.31 -28.30
C LEU C 128 12.11 -16.80 -28.61
N VAL C 129 12.84 -17.15 -29.66
CA VAL C 129 13.02 -18.55 -30.03
C VAL C 129 13.93 -19.25 -29.02
N ARG C 130 13.73 -20.55 -28.85
CA ARG C 130 14.58 -21.38 -28.01
C ARG C 130 15.34 -22.33 -28.93
N TYR C 131 16.56 -22.69 -28.58
CA TYR C 131 17.36 -23.55 -29.44
C TYR C 131 17.60 -24.94 -28.87
N GLU C 132 17.06 -25.19 -27.67
CA GLU C 132 17.11 -26.51 -27.05
C GLU C 132 15.77 -26.93 -26.46
N ARG C 133 15.49 -28.22 -26.57
CA ARG C 133 14.19 -28.80 -26.25
C ARG C 133 13.96 -28.83 -24.74
N ASP C 134 12.84 -28.27 -24.30
CA ASP C 134 12.46 -28.28 -22.90
C ASP C 134 10.98 -28.00 -22.71
N GLY C 135 10.32 -28.78 -21.84
CA GLY C 135 9.00 -28.43 -21.38
C GLY C 135 7.97 -28.48 -22.48
N THR C 136 7.26 -27.37 -22.61
CA THR C 136 6.24 -27.18 -23.63
C THR C 136 6.85 -27.10 -25.03
N TYR C 137 8.13 -26.73 -25.11
CA TYR C 137 8.83 -26.60 -26.38
C TYR C 137 9.54 -27.90 -26.77
N GLN C 138 8.92 -28.69 -27.64
CA GLN C 138 9.53 -29.99 -28.01
C GLN C 138 9.67 -30.22 -29.52
N THR C 139 9.22 -29.28 -30.34
CA THR C 139 9.24 -29.45 -31.80
C THR C 139 10.37 -28.67 -32.46
N VAL C 140 11.11 -29.33 -33.34
CA VAL C 140 12.31 -28.75 -33.94
C VAL C 140 12.16 -28.52 -35.44
N LYS C 141 12.44 -27.29 -35.88
CA LYS C 141 12.41 -26.91 -37.29
C LYS C 141 13.67 -27.37 -38.04
N ASP C 142 13.66 -27.21 -39.36
CA ASP C 142 14.80 -27.56 -40.19
CA ASP C 142 14.81 -27.57 -40.18
C ASP C 142 16.04 -26.75 -39.79
N ASN C 143 15.82 -25.49 -39.48
CA ASN C 143 16.89 -24.58 -39.07
C ASN C 143 17.31 -24.72 -37.60
N LYS C 144 16.77 -25.75 -36.95
CA LYS C 144 17.10 -26.11 -35.57
C LYS C 144 16.55 -25.14 -34.52
N GLN C 145 15.59 -24.31 -34.93
CA GLN C 145 14.90 -23.48 -33.96
C GLN C 145 13.90 -24.35 -33.20
N VAL C 146 13.85 -24.20 -31.88
CA VAL C 146 12.97 -25.03 -31.08
C VAL C 146 11.75 -24.21 -30.68
N VAL C 147 10.59 -24.82 -30.95
CA VAL C 147 9.31 -24.16 -30.99
C VAL C 147 8.34 -24.85 -30.04
N PRO C 148 7.23 -24.17 -29.65
CA PRO C 148 6.28 -24.91 -28.81
C PRO C 148 5.72 -26.12 -29.55
N THR C 149 5.33 -27.14 -28.80
CA THR C 149 4.89 -28.40 -29.38
C THR C 149 3.67 -28.21 -30.27
N GLU C 150 3.77 -28.67 -31.51
CA GLU C 150 2.72 -28.47 -32.50
C GLU C 150 1.43 -29.17 -32.10
N THR C 151 1.55 -30.37 -31.55
CA THR C 151 0.39 -31.15 -31.16
C THR C 151 -0.39 -30.48 -30.02
N VAL C 152 0.33 -29.85 -29.10
CA VAL C 152 -0.31 -29.14 -28.00
C VAL C 152 -0.66 -27.68 -28.31
N TYR C 153 0.22 -26.98 -29.01
CA TYR C 153 0.06 -25.54 -29.20
C TYR C 153 -0.08 -25.09 -30.65
N GLY C 154 -0.24 -26.03 -31.57
CA GLY C 154 -0.49 -25.71 -32.96
C GLY C 154 0.74 -25.26 -33.72
N ARG C 155 0.55 -24.89 -34.98
CA ARG C 155 1.65 -24.39 -35.81
C ARG C 155 2.15 -23.04 -35.33
N THR C 156 3.43 -22.78 -35.52
CA THR C 156 3.96 -21.45 -35.26
CA THR C 156 4.05 -21.51 -35.18
C THR C 156 5.01 -21.07 -36.29
N THR C 157 5.06 -19.77 -36.58
CA THR C 157 6.00 -19.23 -37.55
C THR C 157 6.95 -18.29 -36.83
N VAL C 158 8.22 -18.32 -37.21
CA VAL C 158 9.20 -17.43 -36.62
C VAL C 158 9.59 -16.33 -37.60
N VAL C 159 9.50 -15.08 -37.15
CA VAL C 159 9.79 -13.93 -38.00
C VAL C 159 10.95 -13.14 -37.41
N LYS C 160 11.62 -12.33 -38.23
CA LYS C 160 12.80 -11.65 -37.73
C LYS C 160 12.53 -10.61 -36.65
N ASP C 161 11.59 -9.72 -36.91
CA ASP C 161 11.33 -8.63 -36.00
CA ASP C 161 11.33 -8.59 -36.03
C ASP C 161 9.87 -8.52 -35.59
N MET C 162 9.61 -7.64 -34.63
CA MET C 162 8.27 -7.42 -34.09
C MET C 162 7.30 -6.87 -35.14
N HIS C 163 7.82 -6.00 -36.00
CA HIS C 163 7.02 -5.30 -36.99
C HIS C 163 6.34 -6.29 -37.95
N THR C 164 7.15 -7.16 -38.56
CA THR C 164 6.61 -8.15 -39.48
CA THR C 164 6.64 -8.19 -39.48
C THR C 164 5.75 -9.18 -38.77
N ARG C 165 5.92 -9.29 -37.45
CA ARG C 165 5.10 -10.17 -36.63
C ARG C 165 3.69 -9.62 -36.49
N LYS C 166 3.61 -8.35 -36.10
CA LYS C 166 2.34 -7.66 -35.96
C LYS C 166 1.63 -7.64 -37.30
N LYS C 167 2.39 -7.30 -38.33
CA LYS C 167 1.87 -7.27 -39.69
C LYS C 167 1.37 -8.65 -40.15
N MET C 168 2.07 -9.72 -39.77
CA MET C 168 1.66 -11.07 -40.15
C MET C 168 0.36 -11.49 -39.46
N MET C 169 0.27 -11.24 -38.16
CA MET C 169 -0.94 -11.57 -37.42
C MET C 169 -2.14 -10.81 -37.98
N ALA C 170 -1.93 -9.50 -38.17
CA ALA C 170 -2.98 -8.64 -38.69
C ALA C 170 -3.41 -9.11 -40.07
N GLU C 171 -2.43 -9.39 -40.94
CA GLU C 171 -2.69 -9.85 -42.30
C GLU C 171 -3.53 -11.12 -42.27
N GLU C 172 -3.14 -12.05 -41.41
CA GLU C 172 -3.83 -13.34 -41.33
C GLU C 172 -5.27 -13.13 -40.92
N VAL C 173 -5.50 -12.20 -39.99
CA VAL C 173 -6.89 -11.88 -39.64
C VAL C 173 -7.68 -11.25 -40.80
N ILE C 174 -7.05 -10.27 -41.45
CA ILE C 174 -7.69 -9.45 -42.47
C ILE C 174 -8.15 -10.26 -43.67
N SER C 175 -7.38 -11.28 -44.03
CA SER C 175 -7.68 -12.10 -45.20
C SER C 175 -8.58 -13.29 -44.85
N GLY C 176 -9.05 -13.35 -43.60
CA GLY C 176 -9.93 -14.41 -43.16
C GLY C 176 -11.35 -14.28 -43.67
N GLY C 177 -12.13 -15.34 -43.50
CA GLY C 177 -13.54 -15.34 -43.91
C GLY C 177 -14.39 -14.56 -42.95
N PRO C 178 -15.71 -14.52 -43.20
CA PRO C 178 -16.63 -13.74 -42.37
C PRO C 178 -16.61 -14.17 -40.91
N GLY C 179 -16.69 -13.21 -40.00
CA GLY C 179 -16.57 -13.48 -38.57
C GLY C 179 -15.16 -13.28 -38.05
N SER C 180 -14.21 -13.08 -38.97
CA SER C 180 -12.82 -12.82 -38.59
C SER C 180 -12.69 -11.47 -37.89
N GLY C 181 -11.86 -11.41 -36.87
CA GLY C 181 -11.74 -10.21 -36.06
C GLY C 181 -10.56 -10.21 -35.11
N PHE C 182 -10.45 -9.14 -34.33
CA PHE C 182 -9.44 -9.03 -33.29
C PHE C 182 -10.08 -9.03 -31.91
N ILE C 183 -9.57 -9.86 -31.01
CA ILE C 183 -10.06 -9.89 -29.64
C ILE C 183 -8.96 -9.53 -28.64
N GLY C 184 -9.27 -8.59 -27.77
CA GLY C 184 -8.38 -8.22 -26.68
C GLY C 184 -8.87 -8.78 -25.36
N LEU C 185 -8.24 -9.87 -24.92
CA LEU C 185 -8.45 -10.38 -23.57
C LEU C 185 -7.52 -9.61 -22.63
N SER C 186 -7.66 -9.85 -21.33
CA SER C 186 -6.88 -9.11 -20.34
C SER C 186 -5.37 -9.24 -20.60
N GLY C 187 -4.68 -8.11 -20.55
CA GLY C 187 -3.27 -8.05 -20.90
C GLY C 187 -2.66 -6.76 -20.43
N GLY C 188 -1.34 -6.63 -20.60
CA GLY C 188 -0.65 -5.43 -20.18
C GLY C 188 -0.46 -4.40 -21.27
N TYR C 189 0.66 -3.68 -21.21
CA TYR C 189 0.97 -2.59 -22.13
C TYR C 189 1.05 -3.04 -23.58
N GLY C 190 1.69 -4.17 -23.83
CA GLY C 190 1.90 -4.66 -25.18
C GLY C 190 0.61 -4.99 -25.90
N THR C 191 -0.28 -5.71 -25.22
CA THR C 191 -1.58 -6.08 -25.79
C THR C 191 -2.40 -4.83 -26.06
N MET C 192 -2.26 -3.84 -25.18
CA MET C 192 -2.96 -2.58 -25.33
C MET C 192 -2.49 -1.87 -26.59
N GLU C 193 -1.16 -1.85 -26.79
CA GLU C 193 -0.56 -1.24 -27.96
C GLU C 193 -1.01 -1.94 -29.23
N GLU C 194 -1.10 -3.27 -29.18
CA GLU C 194 -1.56 -4.05 -30.32
C GLU C 194 -3.00 -3.70 -30.68
N VAL C 195 -3.85 -3.64 -29.64
CA VAL C 195 -5.27 -3.33 -29.82
C VAL C 195 -5.47 -1.94 -30.41
N PHE C 196 -4.83 -0.93 -29.82
CA PHE C 196 -4.97 0.42 -30.36
C PHE C 196 -4.35 0.55 -31.75
N GLU C 197 -3.33 -0.28 -32.03
CA GLU C 197 -2.75 -0.35 -33.36
C GLU C 197 -3.78 -0.79 -34.38
N VAL C 198 -4.40 -1.95 -34.14
CA VAL C 198 -5.38 -2.45 -35.11
C VAL C 198 -6.61 -1.53 -35.17
N ILE C 199 -6.92 -0.85 -34.06
CA ILE C 199 -8.00 0.12 -34.07
C ILE C 199 -7.66 1.28 -35.01
N THR C 200 -6.44 1.78 -34.91
CA THR C 200 -5.98 2.86 -35.78
C THR C 200 -5.99 2.40 -37.23
N TRP C 201 -5.60 1.16 -37.48
CA TRP C 201 -5.63 0.61 -38.83
C TRP C 201 -7.03 0.52 -39.38
N ASN C 202 -7.99 0.17 -38.53
CA ASN C 202 -9.39 0.16 -38.94
C ASN C 202 -9.84 1.59 -39.27
N GLN C 203 -9.38 2.55 -38.47
CA GLN C 203 -9.73 3.95 -38.67
C GLN C 203 -9.24 4.48 -40.01
N LEU C 204 -8.07 4.00 -40.44
CA LEU C 204 -7.46 4.45 -41.69
C LEU C 204 -8.06 3.78 -42.91
N GLY C 205 -8.99 2.86 -42.70
CA GLY C 205 -9.64 2.19 -43.81
C GLY C 205 -8.80 1.08 -44.41
N ILE C 206 -7.77 0.65 -43.68
CA ILE C 206 -6.88 -0.38 -44.16
C ILE C 206 -7.54 -1.76 -44.12
N HIS C 207 -8.37 -1.99 -43.11
CA HIS C 207 -9.10 -3.24 -42.98
C HIS C 207 -10.48 -2.98 -42.37
N THR C 208 -11.41 -3.90 -42.59
CA THR C 208 -12.78 -3.69 -42.14
C THR C 208 -13.19 -4.62 -41.00
N LYS C 209 -12.23 -5.33 -40.42
CA LYS C 209 -12.53 -6.29 -39.37
C LYS C 209 -12.84 -5.61 -38.04
N GLY C 210 -13.75 -6.21 -37.28
CA GLY C 210 -14.16 -5.67 -36.00
C GLY C 210 -13.18 -5.94 -34.89
N ILE C 211 -13.21 -5.08 -33.87
CA ILE C 211 -12.31 -5.24 -32.72
C ILE C 211 -13.11 -5.27 -31.42
N CYS C 212 -12.96 -6.37 -30.69
CA CYS C 212 -13.73 -6.60 -29.48
C CYS C 212 -12.85 -6.79 -28.26
N LEU C 213 -13.23 -6.12 -27.17
CA LEU C 213 -12.56 -6.27 -25.89
C LEU C 213 -13.36 -7.26 -25.06
N LEU C 214 -12.75 -8.38 -24.71
CA LEU C 214 -13.42 -9.35 -23.86
C LEU C 214 -13.21 -8.93 -22.41
N ASN C 215 -14.25 -8.32 -21.83
CA ASN C 215 -14.12 -7.68 -20.53
C ASN C 215 -14.39 -8.65 -19.38
N VAL C 216 -13.34 -8.98 -18.66
CA VAL C 216 -13.43 -9.90 -17.52
C VAL C 216 -13.40 -9.13 -16.21
N GLU C 217 -14.49 -9.21 -15.46
CA GLU C 217 -14.61 -8.53 -14.16
C GLU C 217 -14.31 -7.03 -14.27
N GLY C 218 -14.81 -6.40 -15.32
CA GLY C 218 -14.66 -4.97 -15.51
C GLY C 218 -13.22 -4.53 -15.73
N TYR C 219 -12.41 -5.41 -16.30
CA TYR C 219 -11.00 -5.13 -16.52
C TYR C 219 -10.77 -4.00 -17.52
N TRP C 220 -11.56 -4.00 -18.59
CA TRP C 220 -11.36 -3.04 -19.68
C TRP C 220 -12.18 -1.76 -19.50
N ASP C 221 -12.83 -1.64 -18.34
CA ASP C 221 -13.79 -0.56 -18.11
C ASP C 221 -13.18 0.84 -18.26
N GLY C 222 -11.97 1.01 -17.74
CA GLY C 222 -11.29 2.30 -17.81
C GLY C 222 -11.04 2.71 -19.26
N ILE C 223 -10.70 1.72 -20.09
CA ILE C 223 -10.44 1.97 -21.50
C ILE C 223 -11.69 2.40 -22.24
N LEU C 224 -12.81 1.73 -21.96
CA LEU C 224 -14.09 2.09 -22.57
C LEU C 224 -14.52 3.47 -22.13
N GLN C 225 -14.30 3.77 -20.85
CA GLN C 225 -14.60 5.07 -20.28
C GLN C 225 -13.82 6.14 -21.03
N TRP C 226 -12.54 5.87 -21.26
CA TRP C 226 -11.69 6.79 -22.01
C TRP C 226 -12.18 6.94 -23.45
N ILE C 227 -12.65 5.85 -24.05
CA ILE C 227 -13.15 5.91 -25.42
C ILE C 227 -14.36 6.84 -25.49
N ASN C 228 -15.24 6.71 -24.51
CA ASN C 228 -16.41 7.58 -24.42
C ASN C 228 -15.99 9.03 -24.26
N MET C 229 -15.02 9.29 -23.38
CA MET C 229 -14.55 10.66 -23.15
C MET C 229 -13.94 11.26 -24.42
N ALA C 230 -13.12 10.47 -25.11
CA ALA C 230 -12.44 10.89 -26.33
C ALA C 230 -13.44 11.16 -27.44
N ALA C 231 -14.50 10.35 -27.48
CA ALA C 231 -15.58 10.55 -28.44
C ALA C 231 -16.28 11.87 -28.15
N ALA C 232 -16.57 12.12 -26.87
CA ALA C 232 -17.20 13.35 -26.45
C ALA C 232 -16.34 14.56 -26.80
N GLN C 233 -15.02 14.41 -26.70
CA GLN C 233 -14.11 15.51 -26.98
C GLN C 233 -13.74 15.60 -28.46
N GLY C 234 -14.18 14.62 -29.25
CA GLY C 234 -14.01 14.65 -30.69
C GLY C 234 -12.64 14.22 -31.18
N PHE C 235 -11.78 13.77 -30.28
CA PHE C 235 -10.47 13.28 -30.66
C PHE C 235 -10.60 11.96 -31.40
N VAL C 236 -11.66 11.21 -31.07
CA VAL C 236 -12.10 10.12 -31.92
C VAL C 236 -13.32 10.62 -32.70
N GLN C 237 -13.19 10.67 -34.02
CA GLN C 237 -14.21 11.29 -34.87
C GLN C 237 -15.51 10.51 -34.82
N PRO C 238 -16.65 11.19 -35.07
CA PRO C 238 -17.94 10.51 -35.06
C PRO C 238 -18.03 9.42 -36.12
N GLY C 239 -18.62 8.29 -35.75
CA GLY C 239 -18.63 7.11 -36.60
C GLY C 239 -17.44 6.20 -36.35
N ASN C 240 -16.56 6.62 -35.45
CA ASN C 240 -15.39 5.81 -35.10
C ASN C 240 -15.38 5.29 -33.66
N GLU C 241 -16.36 5.69 -32.86
CA GLU C 241 -16.43 5.21 -31.47
C GLU C 241 -16.79 3.73 -31.43
N THR C 242 -17.39 3.23 -32.50
CA THR C 242 -17.91 1.88 -32.52
C THR C 242 -16.96 0.89 -33.19
N ILE C 243 -15.74 1.35 -33.50
CA ILE C 243 -14.73 0.48 -34.07
C ILE C 243 -14.40 -0.63 -33.08
N VAL C 244 -14.38 -0.28 -31.79
CA VAL C 244 -14.14 -1.24 -30.74
C VAL C 244 -15.40 -1.42 -29.89
N VAL C 245 -15.77 -2.67 -29.65
CA VAL C 245 -16.94 -2.98 -28.83
C VAL C 245 -16.54 -3.90 -27.70
N SER C 246 -17.31 -3.92 -26.62
CA SER C 246 -16.97 -4.77 -25.48
C SER C 246 -17.93 -5.94 -25.33
N ALA C 247 -17.46 -7.00 -24.68
CA ALA C 247 -18.32 -8.16 -24.42
C ALA C 247 -18.07 -8.76 -23.04
N GLY C 248 -19.15 -9.12 -22.36
CA GLY C 248 -19.06 -9.75 -21.05
C GLY C 248 -18.51 -11.16 -21.11
N ASP C 249 -18.91 -11.90 -22.14
CA ASP C 249 -18.49 -13.30 -22.29
C ASP C 249 -17.88 -13.56 -23.66
N ALA C 250 -17.39 -14.78 -23.85
CA ALA C 250 -16.70 -15.16 -25.09
C ALA C 250 -17.63 -15.23 -26.29
N GLU C 251 -18.76 -15.91 -26.12
CA GLU C 251 -19.76 -16.01 -27.19
C GLU C 251 -20.21 -14.63 -27.62
N GLY C 252 -20.35 -13.74 -26.64
CA GLY C 252 -20.59 -12.33 -26.89
C GLY C 252 -19.57 -11.71 -27.82
N ALA C 253 -18.29 -11.98 -27.55
CA ALA C 253 -17.20 -11.43 -28.34
C ALA C 253 -17.20 -11.96 -29.77
N VAL C 254 -17.33 -13.28 -29.91
CA VAL C 254 -17.34 -13.91 -31.22
C VAL C 254 -18.53 -13.41 -32.04
N ARG C 255 -19.69 -13.31 -31.41
CA ARG C 255 -20.89 -12.79 -32.07
C ARG C 255 -20.66 -11.35 -32.48
N ALA C 256 -20.00 -10.59 -31.63
CA ALA C 256 -19.73 -9.18 -31.91
C ALA C 256 -18.86 -9.06 -33.15
N LEU C 257 -17.86 -9.94 -33.26
CA LEU C 257 -17.00 -9.94 -34.44
C LEU C 257 -17.76 -10.36 -35.69
N ARG C 258 -18.68 -11.32 -35.55
CA ARG C 258 -19.48 -11.75 -36.70
C ARG C 258 -20.47 -10.67 -37.18
N GLU C 259 -21.08 -9.97 -36.23
CA GLU C 259 -22.08 -8.94 -36.51
C GLU C 259 -21.51 -7.66 -37.11
N TYR C 260 -20.27 -7.35 -36.77
CA TYR C 260 -19.70 -6.02 -37.00
C TYR C 260 -19.74 -5.55 -38.45
N LYS C 261 -20.19 -4.31 -38.63
CA LYS C 261 -20.15 -3.67 -39.94
C LYS C 261 -19.51 -2.28 -39.81
N VAL C 262 -18.48 -2.04 -40.62
CA VAL C 262 -17.70 -0.81 -40.56
CA VAL C 262 -17.70 -0.81 -40.52
C VAL C 262 -18.52 0.44 -40.87
N SER C 263 -19.36 0.35 -41.88
CA SER C 263 -20.11 1.52 -42.36
C SER C 263 -21.36 1.82 -41.53
N GLU C 264 -21.68 0.94 -40.59
CA GLU C 264 -22.94 1.04 -39.84
C GLU C 264 -23.10 2.37 -39.09
N ALA C 265 -22.08 2.77 -38.35
CA ALA C 265 -22.14 4.01 -37.58
C ALA C 265 -22.24 5.24 -38.48
N THR C 266 -21.43 5.25 -39.53
CA THR C 266 -21.45 6.34 -40.49
C THR C 266 -22.80 6.40 -41.20
N PHE C 267 -23.36 5.22 -41.44
CA PHE C 267 -24.69 5.11 -42.04
C PHE C 267 -25.73 5.76 -41.14
N LYS C 268 -25.72 5.38 -39.86
CA LYS C 268 -26.66 5.94 -38.89
C LYS C 268 -26.52 7.44 -38.79
N LEU C 269 -25.27 7.91 -38.83
CA LEU C 269 -25.01 9.34 -38.72
C LEU C 269 -25.49 10.13 -39.93
N GLU C 270 -25.22 9.63 -41.13
CA GLU C 270 -25.36 10.45 -42.34
C GLU C 270 -26.58 10.16 -43.23
N TRP C 271 -27.21 9.00 -43.08
CA TRP C 271 -28.26 8.60 -44.01
C TRP C 271 -29.45 9.57 -44.04
N GLY C 272 -29.88 10.03 -42.87
CA GLY C 272 -30.99 10.96 -42.79
C GLY C 272 -30.72 12.30 -43.47
N ARG C 273 -29.44 12.63 -43.63
CA ARG C 273 -29.03 13.86 -44.30
C ARG C 273 -28.36 13.61 -45.64
N GLN C 274 -28.22 12.33 -45.98
CA GLN C 274 -27.54 11.86 -47.19
C GLN C 274 -26.05 12.15 -47.12
N PRO D 58 24.25 18.31 -24.81
CA PRO D 58 23.03 17.76 -25.42
C PRO D 58 21.75 18.27 -24.77
N ARG D 59 20.95 19.03 -25.52
CA ARG D 59 19.68 19.52 -25.00
C ARG D 59 18.65 18.44 -24.79
N ALA D 60 17.77 18.68 -23.83
CA ALA D 60 16.67 17.79 -23.54
C ALA D 60 15.67 17.86 -24.68
N LYS D 61 15.10 16.71 -25.04
CA LYS D 61 14.11 16.66 -26.10
C LYS D 61 12.86 15.95 -25.63
N ILE D 62 11.71 16.57 -25.87
CA ILE D 62 10.45 15.93 -25.51
C ILE D 62 9.60 15.68 -26.75
N CYS D 63 9.17 14.43 -26.91
CA CYS D 63 8.24 14.12 -27.99
C CYS D 63 6.83 14.21 -27.46
N VAL D 64 6.02 15.06 -28.08
CA VAL D 64 4.65 15.24 -27.63
C VAL D 64 3.66 14.52 -28.54
N PHE D 65 2.94 13.57 -27.97
CA PHE D 65 1.92 12.85 -28.70
C PHE D 65 0.56 13.50 -28.45
N CYS D 66 -0.08 13.97 -29.52
CA CYS D 66 -1.38 14.61 -29.38
C CYS D 66 -2.17 14.56 -30.69
N GLY D 67 -3.46 14.86 -30.59
CA GLY D 67 -4.37 14.77 -31.71
C GLY D 67 -4.15 15.79 -32.81
N SER D 68 -4.43 15.39 -34.04
CA SER D 68 -4.43 16.31 -35.17
C SER D 68 -5.60 17.29 -35.05
N SER D 69 -6.68 16.84 -34.40
CA SER D 69 -7.82 17.70 -34.12
C SER D 69 -7.57 18.59 -32.91
N GLY D 70 -8.29 19.70 -32.84
CA GLY D 70 -8.13 20.65 -31.76
C GLY D 70 -8.72 20.26 -30.41
N GLY D 71 -9.84 19.56 -30.44
CA GLY D 71 -10.55 19.22 -29.21
C GLY D 71 -11.71 20.16 -28.95
N ALA D 72 -12.80 19.62 -28.41
CA ALA D 72 -14.01 20.40 -28.21
C ALA D 72 -13.80 21.54 -27.21
N SER D 73 -13.34 21.20 -26.01
CA SER D 73 -13.02 22.20 -25.01
C SER D 73 -11.76 22.98 -25.39
N PRO D 74 -11.75 24.29 -25.13
CA PRO D 74 -10.59 25.15 -25.43
C PRO D 74 -9.39 24.81 -24.56
N ALA D 75 -9.65 24.09 -23.47
CA ALA D 75 -8.64 23.76 -22.47
C ALA D 75 -7.50 22.94 -23.08
N HIS D 76 -7.80 22.08 -24.04
CA HIS D 76 -6.79 21.26 -24.69
C HIS D 76 -5.80 22.10 -25.50
N MET D 77 -6.35 23.03 -26.30
CA MET D 77 -5.54 23.92 -27.12
C MET D 77 -4.71 24.84 -26.23
N GLU D 78 -5.35 25.36 -25.18
CA GLU D 78 -4.66 26.21 -24.22
C GLU D 78 -3.52 25.44 -23.55
N ALA D 79 -3.78 24.17 -23.26
CA ALA D 79 -2.77 23.28 -22.70
C ALA D 79 -1.60 23.07 -23.67
N ALA D 80 -1.91 22.99 -24.96
CA ALA D 80 -0.87 22.90 -25.98
C ALA D 80 0.01 24.15 -25.93
N ARG D 81 -0.65 25.31 -25.84
CA ARG D 81 0.07 26.58 -25.76
C ARG D 81 0.98 26.62 -24.54
N GLN D 82 0.42 26.25 -23.40
CA GLN D 82 1.15 26.26 -22.14
C GLN D 82 2.34 25.31 -22.17
N LEU D 83 2.14 24.12 -22.74
CA LEU D 83 3.22 23.15 -22.87
C LEU D 83 4.33 23.72 -23.74
N GLY D 84 3.94 24.40 -24.81
CA GLY D 84 4.93 25.04 -25.67
C GLY D 84 5.72 26.09 -24.93
N ARG D 85 5.01 26.88 -24.12
CA ARG D 85 5.64 27.96 -23.35
C ARG D 85 6.62 27.42 -22.32
N VAL D 86 6.20 26.38 -21.60
CA VAL D 86 7.04 25.80 -20.55
C VAL D 86 8.25 25.08 -21.14
N MET D 87 8.04 24.35 -22.24
CA MET D 87 9.14 23.65 -22.89
C MET D 87 10.15 24.65 -23.43
N ALA D 88 9.66 25.71 -24.07
CA ALA D 88 10.53 26.73 -24.62
C ALA D 88 11.29 27.46 -23.53
N GLU D 89 10.62 27.73 -22.41
CA GLU D 89 11.22 28.46 -21.30
C GLU D 89 12.39 27.69 -20.69
N ASN D 90 12.30 26.37 -20.66
CA ASN D 90 13.35 25.54 -20.08
C ASN D 90 14.35 25.07 -21.14
N ASN D 91 14.26 25.67 -22.33
CA ASN D 91 15.13 25.33 -23.45
C ASN D 91 15.06 23.84 -23.79
N ILE D 92 13.85 23.30 -23.81
CA ILE D 92 13.63 21.92 -24.21
C ILE D 92 13.16 21.84 -25.66
N ASP D 93 13.91 21.13 -26.50
CA ASP D 93 13.56 20.99 -27.90
C ASP D 93 12.41 20.01 -28.08
N LEU D 94 11.68 20.19 -29.18
CA LEU D 94 10.44 19.45 -29.40
C LEU D 94 10.51 18.45 -30.54
N VAL D 95 9.97 17.27 -30.30
CA VAL D 95 9.77 16.26 -31.33
C VAL D 95 8.28 16.00 -31.44
N TYR D 96 7.73 16.03 -32.65
CA TYR D 96 6.29 15.85 -32.80
C TYR D 96 5.88 15.31 -34.17
N GLY D 97 4.59 15.04 -34.32
CA GLY D 97 4.05 14.40 -35.50
C GLY D 97 4.21 15.11 -36.83
N GLY D 98 4.44 16.42 -36.78
CA GLY D 98 4.66 17.19 -38.00
C GLY D 98 3.45 17.90 -38.57
N GLY D 99 2.35 17.93 -37.82
CA GLY D 99 1.13 18.58 -38.29
C GLY D 99 1.13 20.09 -38.10
N THR D 100 0.27 20.76 -38.85
CA THR D 100 0.08 22.21 -38.69
C THR D 100 -1.30 22.50 -38.12
N VAL D 101 -2.04 21.44 -37.85
CA VAL D 101 -3.42 21.56 -37.39
C VAL D 101 -3.58 20.89 -36.03
N GLY D 102 -4.37 21.51 -35.16
CA GLY D 102 -4.64 20.93 -33.85
C GLY D 102 -3.53 21.13 -32.83
N LEU D 103 -3.57 20.32 -31.78
CA LEU D 103 -2.60 20.39 -30.69
C LEU D 103 -1.15 20.29 -31.18
N MET D 104 -0.91 19.42 -32.14
CA MET D 104 0.42 19.22 -32.71
C MET D 104 0.95 20.54 -33.27
N GLY D 105 0.15 21.08 -34.18
CA GLY D 105 0.47 22.33 -34.86
C GLY D 105 0.64 23.46 -33.86
N GLU D 106 -0.17 23.45 -32.81
CA GLU D 106 -0.10 24.51 -31.81
C GLU D 106 1.20 24.45 -31.00
N VAL D 107 1.53 23.27 -30.48
CA VAL D 107 2.75 23.09 -29.71
C VAL D 107 3.96 23.47 -30.55
N ALA D 108 3.99 22.95 -31.78
CA ALA D 108 5.08 23.28 -32.70
C ALA D 108 5.16 24.78 -32.95
N ARG D 109 3.99 25.39 -33.10
CA ARG D 109 3.89 26.81 -33.44
C ARG D 109 4.44 27.69 -32.32
N THR D 110 4.02 27.41 -31.09
CA THR D 110 4.48 28.21 -29.96
C THR D 110 5.96 27.97 -29.67
N VAL D 111 6.38 26.70 -29.66
CA VAL D 111 7.78 26.40 -29.38
C VAL D 111 8.69 27.06 -30.42
N CYS D 112 8.30 26.99 -31.68
CA CYS D 112 9.08 27.62 -32.74
C CYS D 112 9.01 29.14 -32.66
N SER D 113 7.89 29.67 -32.19
CA SER D 113 7.72 31.11 -32.05
C SER D 113 8.71 31.65 -31.03
N ILE D 114 8.81 30.95 -29.90
CA ILE D 114 9.74 31.36 -28.84
C ILE D 114 11.22 31.09 -29.15
N ASN D 115 11.55 29.89 -29.62
CA ASN D 115 12.96 29.50 -29.74
C ASN D 115 13.50 29.26 -31.15
N GLY D 116 12.69 29.55 -32.17
CA GLY D 116 13.18 29.42 -33.54
C GLY D 116 13.00 28.03 -34.11
N PRO D 117 13.28 27.87 -35.41
CA PRO D 117 13.08 26.62 -36.16
C PRO D 117 13.92 25.44 -35.66
N GLU D 118 15.20 25.69 -35.34
CA GLU D 118 16.10 24.65 -34.85
C GLU D 118 15.59 23.96 -33.58
N SER D 119 14.67 24.61 -32.88
CA SER D 119 14.10 24.06 -31.65
C SER D 119 13.10 22.93 -31.90
N VAL D 120 12.42 22.99 -33.05
CA VAL D 120 11.35 22.03 -33.34
C VAL D 120 11.72 21.07 -34.46
N HIS D 121 11.50 19.78 -34.22
CA HIS D 121 11.65 18.77 -35.25
C HIS D 121 10.36 17.98 -35.42
N GLY D 122 9.81 18.00 -36.63
CA GLY D 122 8.62 17.24 -36.94
C GLY D 122 8.97 16.09 -37.87
N ILE D 123 8.34 14.94 -37.69
CA ILE D 123 8.66 13.84 -38.59
C ILE D 123 7.40 13.41 -39.34
N ILE D 124 7.47 13.45 -40.66
CA ILE D 124 6.32 13.21 -41.51
C ILE D 124 6.58 12.06 -42.47
N PRO D 125 5.60 11.15 -42.62
CA PRO D 125 5.75 10.07 -43.60
C PRO D 125 5.58 10.59 -45.02
N GLU D 126 6.14 9.85 -45.97
CA GLU D 126 6.09 10.23 -47.38
C GLU D 126 4.65 10.39 -47.86
N ALA D 127 3.76 9.61 -47.27
CA ALA D 127 2.34 9.61 -47.64
C ALA D 127 1.64 10.93 -47.35
N LEU D 128 2.07 11.62 -46.29
CA LEU D 128 1.39 12.84 -45.86
C LEU D 128 2.09 14.09 -46.37
N VAL D 129 3.05 13.88 -47.26
CA VAL D 129 3.76 14.98 -47.90
C VAL D 129 2.83 15.69 -48.89
N ARG D 130 3.06 17.00 -49.06
CA ARG D 130 2.34 17.76 -50.07
C ARG D 130 3.33 18.15 -51.15
N TYR D 131 2.87 18.25 -52.38
CA TYR D 131 3.74 18.58 -53.50
C TYR D 131 3.42 19.95 -54.08
N GLU D 132 2.49 20.66 -53.45
CA GLU D 132 2.20 22.02 -53.89
C GLU D 132 2.22 23.00 -52.70
N ARG D 133 2.81 24.16 -52.95
CA ARG D 133 3.10 25.15 -51.91
C ARG D 133 1.87 25.99 -51.54
N ASP D 134 1.05 25.49 -50.63
CA ASP D 134 -0.14 26.23 -50.20
C ASP D 134 -0.31 26.25 -48.69
N GLY D 135 -0.74 27.40 -48.21
CA GLY D 135 -1.16 27.59 -46.83
C GLY D 135 -0.01 27.56 -45.85
N THR D 136 -0.15 26.75 -44.81
CA THR D 136 0.87 26.63 -43.78
C THR D 136 2.14 25.95 -44.31
N TYR D 137 1.98 25.20 -45.39
CA TYR D 137 3.08 24.50 -46.03
C TYR D 137 3.73 25.37 -47.10
N GLN D 138 4.85 26.03 -46.78
CA GLN D 138 5.48 26.94 -47.72
C GLN D 138 6.97 26.68 -48.00
N THR D 139 7.56 25.68 -47.35
CA THR D 139 8.99 25.43 -47.51
C THR D 139 9.24 24.23 -48.41
N VAL D 140 10.12 24.41 -49.40
CA VAL D 140 10.35 23.39 -50.41
C VAL D 140 11.77 22.82 -50.33
N LYS D 141 11.85 21.49 -50.21
CA LYS D 141 13.14 20.80 -50.17
C LYS D 141 13.68 20.59 -51.59
N ASP D 142 14.90 20.08 -51.68
CA ASP D 142 15.54 19.85 -52.98
C ASP D 142 14.75 18.85 -53.83
N ASN D 143 14.16 17.85 -53.19
CA ASN D 143 13.36 16.84 -53.89
C ASN D 143 11.94 17.33 -54.20
N LYS D 144 11.70 18.61 -53.92
CA LYS D 144 10.42 19.27 -54.22
C LYS D 144 9.27 18.82 -53.35
N GLN D 145 9.57 18.21 -52.21
CA GLN D 145 8.50 17.91 -51.28
C GLN D 145 8.08 19.21 -50.62
N VAL D 146 6.78 19.43 -50.52
CA VAL D 146 6.31 20.68 -49.92
C VAL D 146 5.87 20.37 -48.50
N VAL D 147 6.43 21.19 -47.64
CA VAL D 147 6.56 20.96 -46.22
C VAL D 147 6.01 22.12 -45.36
N PRO D 148 5.68 21.86 -44.08
CA PRO D 148 5.22 23.00 -43.29
C PRO D 148 6.31 24.06 -43.17
N THR D 149 5.90 25.31 -43.01
CA THR D 149 6.84 26.43 -43.00
C THR D 149 7.85 26.29 -41.87
N GLU D 150 9.13 26.32 -42.22
CA GLU D 150 10.21 26.12 -41.25
C GLU D 150 10.24 27.24 -40.21
N THR D 151 10.01 28.46 -40.66
CA THR D 151 10.03 29.61 -39.76
C THR D 151 8.92 29.56 -38.72
N VAL D 152 7.75 29.08 -39.12
CA VAL D 152 6.62 28.96 -38.20
C VAL D 152 6.58 27.62 -37.44
N TYR D 153 6.92 26.52 -38.12
CA TYR D 153 6.73 25.19 -37.54
C TYR D 153 8.02 24.39 -37.38
N GLY D 154 9.17 25.02 -37.62
CA GLY D 154 10.45 24.37 -37.39
C GLY D 154 10.88 23.39 -38.47
N ARG D 155 12.03 22.76 -38.24
CA ARG D 155 12.54 21.73 -39.15
C ARG D 155 11.68 20.49 -39.15
N THR D 156 11.67 19.80 -40.28
CA THR D 156 10.93 18.55 -40.45
CA THR D 156 11.05 18.49 -40.31
C THR D 156 11.69 17.55 -41.33
N THR D 157 11.55 16.26 -41.04
CA THR D 157 12.17 15.21 -41.84
C THR D 157 11.09 14.34 -42.46
N VAL D 158 11.29 13.91 -43.70
CA VAL D 158 10.33 13.04 -44.35
C VAL D 158 10.87 11.62 -44.47
N VAL D 159 10.09 10.66 -43.98
CA VAL D 159 10.49 9.26 -43.98
C VAL D 159 9.49 8.39 -44.73
N LYS D 160 9.94 7.22 -45.16
CA LYS D 160 9.12 6.33 -45.97
C LYS D 160 7.90 5.76 -45.24
N ASP D 161 8.13 5.26 -44.03
CA ASP D 161 7.13 4.48 -43.31
CA ASP D 161 7.09 4.51 -43.32
C ASP D 161 6.70 5.14 -42.00
N MET D 162 5.61 4.63 -41.44
CA MET D 162 5.21 4.96 -40.07
C MET D 162 6.22 4.40 -39.09
N HIS D 163 6.76 3.23 -39.42
CA HIS D 163 7.67 2.49 -38.55
C HIS D 163 8.94 3.28 -38.24
N THR D 164 9.65 3.71 -39.28
CA THR D 164 10.88 4.46 -39.12
CA THR D 164 10.90 4.45 -39.07
C THR D 164 10.60 5.86 -38.59
N ARG D 165 9.35 6.30 -38.72
CA ARG D 165 8.92 7.59 -38.20
C ARG D 165 8.85 7.53 -36.67
N LYS D 166 8.13 6.52 -36.19
CA LYS D 166 7.95 6.27 -34.76
C LYS D 166 9.32 6.01 -34.15
N LYS D 167 10.10 5.18 -34.83
CA LYS D 167 11.46 4.87 -34.41
C LYS D 167 12.34 6.09 -34.36
N MET D 168 12.19 6.99 -35.33
CA MET D 168 13.00 8.20 -35.37
C MET D 168 12.66 9.15 -34.23
N MET D 169 11.37 9.33 -33.98
CA MET D 169 10.94 10.20 -32.88
C MET D 169 11.46 9.64 -31.55
N ALA D 170 11.27 8.34 -31.38
CA ALA D 170 11.71 7.67 -30.17
C ALA D 170 13.22 7.80 -30.01
N GLU D 171 13.96 7.56 -31.09
CA GLU D 171 15.41 7.64 -31.10
C GLU D 171 15.86 9.03 -30.66
N GLU D 172 15.23 10.05 -31.22
CA GLU D 172 15.60 11.43 -30.92
C GLU D 172 15.35 11.73 -29.46
N VAL D 173 14.25 11.22 -28.91
CA VAL D 173 14.04 11.40 -27.47
C VAL D 173 15.08 10.68 -26.61
N ILE D 174 15.34 9.42 -26.94
CA ILE D 174 16.18 8.54 -26.14
C ILE D 174 17.61 9.06 -26.01
N SER D 175 18.11 9.67 -27.08
CA SER D 175 19.48 10.16 -27.10
C SER D 175 19.58 11.61 -26.61
N GLY D 176 18.48 12.15 -26.11
CA GLY D 176 18.47 13.50 -25.59
C GLY D 176 19.12 13.64 -24.23
N GLY D 177 19.37 14.87 -23.81
CA GLY D 177 19.97 15.14 -22.52
C GLY D 177 18.97 14.96 -21.39
N PRO D 178 19.41 15.21 -20.15
CA PRO D 178 18.56 15.00 -18.97
C PRO D 178 17.27 15.83 -19.02
N GLY D 179 16.16 15.25 -18.60
CA GLY D 179 14.87 15.89 -18.70
C GLY D 179 14.09 15.47 -19.94
N SER D 180 14.76 14.76 -20.84
CA SER D 180 14.12 14.23 -22.04
C SER D 180 13.08 13.17 -21.68
N GLY D 181 11.96 13.19 -22.39
CA GLY D 181 10.85 12.30 -22.07
C GLY D 181 9.78 12.29 -23.13
N PHE D 182 8.73 11.51 -22.88
CA PHE D 182 7.57 11.47 -23.75
C PHE D 182 6.36 12.06 -23.06
N ILE D 183 5.66 12.96 -23.75
CA ILE D 183 4.44 13.54 -23.20
C ILE D 183 3.24 13.23 -24.08
N GLY D 184 2.18 12.72 -23.47
CA GLY D 184 0.94 12.47 -24.16
C GLY D 184 -0.09 13.52 -23.81
N LEU D 185 -0.29 14.46 -24.73
CA LEU D 185 -1.40 15.40 -24.62
C LEU D 185 -2.64 14.71 -25.19
N SER D 186 -3.79 15.36 -25.05
CA SER D 186 -5.06 14.77 -25.48
C SER D 186 -5.04 14.35 -26.93
N GLY D 187 -5.50 13.13 -27.19
CA GLY D 187 -5.44 12.54 -28.52
C GLY D 187 -6.32 11.31 -28.63
N GLY D 188 -6.43 10.79 -29.83
CA GLY D 188 -7.24 9.61 -30.11
C GLY D 188 -6.47 8.31 -30.11
N TYR D 189 -6.88 7.40 -30.98
CA TYR D 189 -6.32 6.06 -31.07
C TYR D 189 -4.82 6.02 -31.39
N GLY D 190 -4.39 6.85 -32.34
CA GLY D 190 -3.01 6.83 -32.77
C GLY D 190 -2.01 7.23 -31.70
N THR D 191 -2.29 8.33 -31.01
CA THR D 191 -1.44 8.77 -29.92
C THR D 191 -1.45 7.77 -28.79
N MET D 192 -2.59 7.13 -28.59
CA MET D 192 -2.71 6.11 -27.56
C MET D 192 -1.76 4.95 -27.87
N GLU D 193 -1.77 4.53 -29.13
CA GLU D 193 -0.90 3.46 -29.60
C GLU D 193 0.57 3.85 -29.47
N GLU D 194 0.88 5.09 -29.78
CA GLU D 194 2.25 5.59 -29.67
C GLU D 194 2.73 5.56 -28.21
N VAL D 195 1.87 6.05 -27.33
CA VAL D 195 2.17 6.11 -25.90
C VAL D 195 2.37 4.71 -25.34
N PHE D 196 1.45 3.80 -25.61
CA PHE D 196 1.61 2.43 -25.11
C PHE D 196 2.81 1.74 -25.74
N GLU D 197 3.16 2.13 -26.97
CA GLU D 197 4.37 1.61 -27.59
C GLU D 197 5.61 2.01 -26.81
N VAL D 198 5.78 3.31 -26.57
CA VAL D 198 6.97 3.76 -25.84
C VAL D 198 6.97 3.25 -24.39
N ILE D 199 5.77 3.05 -23.83
CA ILE D 199 5.68 2.45 -22.50
C ILE D 199 6.21 1.02 -22.52
N THR D 200 5.80 0.27 -23.54
CA THR D 200 6.27 -1.11 -23.71
C THR D 200 7.79 -1.12 -23.88
N TRP D 201 8.30 -0.15 -24.62
CA TRP D 201 9.74 -0.02 -24.84
C TRP D 201 10.49 0.28 -23.55
N ASN D 202 9.89 1.09 -22.68
CA ASN D 202 10.47 1.34 -21.36
C ASN D 202 10.46 0.04 -20.55
N GLN D 203 9.38 -0.72 -20.67
CA GLN D 203 9.23 -1.97 -19.96
C GLN D 203 10.27 -3.01 -20.38
N LEU D 204 10.62 -3.00 -21.67
CA LEU D 204 11.58 -3.96 -22.21
C LEU D 204 13.03 -3.55 -21.93
N GLY D 205 13.21 -2.40 -21.31
CA GLY D 205 14.55 -1.94 -20.96
C GLY D 205 15.30 -1.32 -22.13
N ILE D 206 14.57 -1.01 -23.20
CA ILE D 206 15.18 -0.42 -24.39
C ILE D 206 15.59 1.03 -24.15
N HIS D 207 14.79 1.74 -23.35
CA HIS D 207 15.09 3.12 -23.01
C HIS D 207 14.66 3.43 -21.58
N THR D 208 15.27 4.45 -20.98
CA THR D 208 15.02 4.77 -19.59
C THR D 208 14.26 6.08 -19.40
N LYS D 209 13.75 6.63 -20.49
CA LYS D 209 13.06 7.92 -20.43
C LYS D 209 11.65 7.79 -19.84
N GLY D 210 11.23 8.83 -19.12
CA GLY D 210 9.92 8.84 -18.49
C GLY D 210 8.79 9.16 -19.44
N ILE D 211 7.60 8.68 -19.09
CA ILE D 211 6.41 8.93 -19.90
C ILE D 211 5.30 9.54 -19.07
N CYS D 212 4.87 10.73 -19.48
CA CYS D 212 3.90 11.50 -18.72
C CYS D 212 2.66 11.82 -19.54
N LEU D 213 1.49 11.65 -18.93
CA LEU D 213 0.23 12.01 -19.54
C LEU D 213 -0.19 13.37 -19.04
N LEU D 214 -0.30 14.32 -19.96
CA LEU D 214 -0.76 15.66 -19.59
C LEU D 214 -2.28 15.63 -19.58
N ASN D 215 -2.85 15.54 -18.38
CA ASN D 215 -4.27 15.31 -18.23
C ASN D 215 -5.07 16.61 -18.19
N VAL D 216 -5.81 16.86 -19.25
CA VAL D 216 -6.63 18.06 -19.34
C VAL D 216 -8.09 17.75 -19.08
N GLU D 217 -8.62 18.34 -18.01
CA GLU D 217 -10.02 18.15 -17.61
C GLU D 217 -10.39 16.67 -17.47
N GLY D 218 -9.49 15.90 -16.88
CA GLY D 218 -9.74 14.49 -16.62
C GLY D 218 -9.88 13.62 -17.86
N TYR D 219 -9.22 14.03 -18.94
CA TYR D 219 -9.29 13.31 -20.20
C TYR D 219 -8.68 11.91 -20.12
N TRP D 220 -7.55 11.81 -19.43
CA TRP D 220 -6.79 10.56 -19.38
C TRP D 220 -7.19 9.66 -18.21
N ASP D 221 -8.23 10.07 -17.49
CA ASP D 221 -8.61 9.42 -16.23
C ASP D 221 -8.92 7.93 -16.40
N GLY D 222 -9.62 7.58 -17.47
CA GLY D 222 -9.96 6.20 -17.74
C GLY D 222 -8.73 5.34 -17.94
N ILE D 223 -7.73 5.90 -18.61
CA ILE D 223 -6.48 5.20 -18.86
C ILE D 223 -5.71 4.92 -17.58
N LEU D 224 -5.64 5.92 -16.70
CA LEU D 224 -4.97 5.77 -15.41
C LEU D 224 -5.71 4.74 -14.56
N GLN D 225 -7.03 4.80 -14.61
CA GLN D 225 -7.89 3.85 -13.91
C GLN D 225 -7.57 2.43 -14.37
N TRP D 226 -7.46 2.26 -15.68
CA TRP D 226 -7.12 0.97 -16.24
C TRP D 226 -5.72 0.53 -15.83
N ILE D 227 -4.79 1.47 -15.75
CA ILE D 227 -3.43 1.15 -15.33
C ILE D 227 -3.44 0.61 -13.91
N ASN D 228 -4.23 1.26 -13.05
CA ASN D 228 -4.40 0.79 -11.69
C ASN D 228 -4.99 -0.62 -11.65
N MET D 229 -6.03 -0.85 -12.46
CA MET D 229 -6.67 -2.17 -12.49
C MET D 229 -5.70 -3.26 -12.95
N ALA D 230 -4.95 -2.97 -14.01
CA ALA D 230 -3.98 -3.91 -14.58
C ALA D 230 -2.85 -4.19 -13.60
N ALA D 231 -2.44 -3.17 -12.85
CA ALA D 231 -1.42 -3.33 -11.82
C ALA D 231 -1.94 -4.25 -10.72
N ALA D 232 -3.18 -4.00 -10.30
CA ALA D 232 -3.82 -4.82 -9.28
C ALA D 232 -3.95 -6.28 -9.74
N GLN D 233 -4.20 -6.47 -11.03
CA GLN D 233 -4.37 -7.81 -11.58
C GLN D 233 -3.05 -8.45 -11.99
N GLY D 234 -1.98 -7.67 -11.93
CA GLY D 234 -0.65 -8.19 -12.20
C GLY D 234 -0.26 -8.32 -13.65
N PHE D 235 -1.14 -7.87 -14.55
CA PHE D 235 -0.84 -7.90 -15.98
C PHE D 235 0.23 -6.88 -16.32
N VAL D 236 0.28 -5.81 -15.52
CA VAL D 236 1.46 -4.96 -15.49
C VAL D 236 2.24 -5.32 -14.23
N GLN D 237 3.47 -5.79 -14.40
CA GLN D 237 4.25 -6.33 -13.29
C GLN D 237 4.58 -5.24 -12.29
N PRO D 238 4.76 -5.62 -11.01
CA PRO D 238 5.11 -4.63 -9.98
C PRO D 238 6.44 -3.94 -10.29
N GLY D 239 6.48 -2.62 -10.08
CA GLY D 239 7.63 -1.84 -10.48
C GLY D 239 7.50 -1.30 -11.89
N ASN D 240 6.43 -1.68 -12.57
CA ASN D 240 6.18 -1.19 -13.93
C ASN D 240 4.94 -0.30 -13.99
N GLU D 241 4.25 -0.19 -12.85
CA GLU D 241 3.05 0.65 -12.76
C GLU D 241 3.42 2.13 -12.83
N THR D 242 4.67 2.45 -12.51
CA THR D 242 5.11 3.83 -12.40
C THR D 242 5.86 4.31 -13.64
N ILE D 243 5.87 3.50 -14.69
CA ILE D 243 6.50 3.89 -15.95
C ILE D 243 5.82 5.13 -16.51
N VAL D 244 4.50 5.19 -16.34
CA VAL D 244 3.72 6.34 -16.78
C VAL D 244 3.18 7.12 -15.59
N VAL D 245 3.34 8.44 -15.61
CA VAL D 245 2.85 9.29 -14.54
C VAL D 245 1.95 10.36 -15.14
N SER D 246 1.04 10.92 -14.36
CA SER D 246 0.14 11.94 -14.88
C SER D 246 0.45 13.33 -14.32
N ALA D 247 0.04 14.37 -15.04
CA ALA D 247 0.23 15.73 -14.57
C ALA D 247 -0.97 16.63 -14.90
N GLY D 248 -1.36 17.46 -13.94
CA GLY D 248 -2.45 18.39 -14.13
C GLY D 248 -2.12 19.51 -15.11
N ASP D 249 -0.88 20.00 -15.05
CA ASP D 249 -0.46 21.10 -15.90
C ASP D 249 0.84 20.77 -16.64
N ALA D 250 1.27 21.68 -17.51
CA ALA D 250 2.44 21.45 -18.35
C ALA D 250 3.74 21.41 -17.54
N GLU D 251 3.91 22.40 -16.67
CA GLU D 251 5.08 22.45 -15.80
CA GLU D 251 5.08 22.45 -15.80
C GLU D 251 5.18 21.17 -14.98
N GLY D 252 4.02 20.69 -14.53
CA GLY D 252 3.91 19.41 -13.86
C GLY D 252 4.53 18.29 -14.69
N ALA D 253 4.19 18.26 -15.97
CA ALA D 253 4.68 17.24 -16.88
C ALA D 253 6.18 17.33 -17.11
N VAL D 254 6.69 18.53 -17.38
CA VAL D 254 8.11 18.72 -17.62
C VAL D 254 8.93 18.33 -16.39
N ARG D 255 8.45 18.77 -15.24
CA ARG D 255 9.09 18.43 -13.98
C ARG D 255 9.04 16.92 -13.76
N ALA D 256 7.92 16.30 -14.10
CA ALA D 256 7.75 14.87 -13.92
C ALA D 256 8.77 14.11 -14.77
N LEU D 257 8.98 14.57 -16.00
CA LEU D 257 9.96 13.96 -16.88
C LEU D 257 11.38 14.16 -16.37
N ARG D 258 11.64 15.34 -15.80
CA ARG D 258 12.98 15.59 -15.24
C ARG D 258 13.25 14.72 -13.99
N GLU D 259 12.22 14.52 -13.18
CA GLU D 259 12.35 13.78 -11.92
CA GLU D 259 12.36 13.79 -11.93
C GLU D 259 12.50 12.28 -12.13
N TYR D 260 11.93 11.78 -13.22
CA TYR D 260 11.78 10.33 -13.41
C TYR D 260 13.08 9.51 -13.36
N LYS D 261 13.03 8.44 -12.58
CA LYS D 261 14.10 7.44 -12.53
C LYS D 261 13.50 6.04 -12.67
N VAL D 262 14.01 5.26 -13.62
CA VAL D 262 13.46 3.95 -13.92
C VAL D 262 13.56 2.92 -12.78
N SER D 263 14.68 2.90 -12.09
CA SER D 263 14.95 1.86 -11.10
C SER D 263 14.27 2.14 -9.77
N GLU D 264 13.66 3.32 -9.65
CA GLU D 264 13.10 3.78 -8.38
C GLU D 264 12.06 2.83 -7.79
N ALA D 265 11.08 2.42 -8.59
CA ALA D 265 10.01 1.56 -8.10
C ALA D 265 10.53 0.18 -7.68
N THR D 266 11.38 -0.40 -8.52
CA THR D 266 11.97 -1.69 -8.22
C THR D 266 12.85 -1.57 -6.98
N PHE D 267 13.49 -0.41 -6.83
CA PHE D 267 14.31 -0.13 -5.66
C PHE D 267 13.46 -0.15 -4.40
N LYS D 268 12.36 0.61 -4.41
CA LYS D 268 11.46 0.69 -3.27
C LYS D 268 10.90 -0.69 -2.92
N LEU D 269 10.58 -1.46 -3.96
CA LEU D 269 10.04 -2.80 -3.77
C LEU D 269 11.04 -3.78 -3.18
N GLU D 270 12.27 -3.78 -3.69
CA GLU D 270 13.22 -4.86 -3.44
C GLU D 270 14.35 -4.58 -2.44
N TRP D 271 14.63 -3.30 -2.17
CA TRP D 271 15.80 -2.94 -1.36
C TRP D 271 15.75 -3.52 0.06
N GLY D 272 14.57 -3.47 0.68
CA GLY D 272 14.38 -4.03 2.01
C GLY D 272 14.59 -5.52 2.09
N ARG D 273 14.49 -6.20 0.96
CA ARG D 273 14.68 -7.64 0.88
C ARG D 273 15.99 -8.00 0.16
N GLN D 274 16.67 -6.97 -0.33
CA GLN D 274 17.88 -7.09 -1.15
C GLN D 274 17.53 -7.70 -2.49
C1 EDO E . 2.38 20.43 18.17
O1 EDO E . 2.37 19.56 17.02
C2 EDO E . 0.98 20.54 18.75
O2 EDO E . 0.96 21.55 19.77
C1 EDO F . 12.60 27.82 36.43
O1 EDO F . 11.38 28.11 37.12
C2 EDO F . 12.30 27.56 34.96
O2 EDO F . 11.37 26.47 34.85
O1 TAR G . -10.46 -7.57 26.71
O11 TAR G . -11.95 -8.26 25.26
C1 TAR G . -10.74 -8.10 25.60
C2 TAR G . -9.63 -8.54 24.68
O2 TAR G . -9.91 -8.10 23.37
C3 TAR G . -8.32 -7.94 25.12
O3 TAR G . -8.12 -8.18 26.48
C4 TAR G . -8.39 -6.45 24.85
O4 TAR G . -8.41 -5.65 25.83
O41 TAR G . -8.44 -6.02 23.67
C1 EDO H . -18.09 -25.84 31.02
O1 EDO H . -18.35 -27.22 31.26
C2 EDO H . -16.68 -25.65 30.49
O2 EDO H . -16.56 -26.25 29.19
O1 TAR I . 5.91 7.55 33.47
O11 TAR I . 7.52 6.46 32.46
C1 TAR I . 6.99 6.89 33.52
C2 TAR I . 7.62 6.57 34.85
O2 TAR I . 6.97 7.29 35.87
C3 TAR I . 7.49 5.09 35.10
O3 TAR I . 6.42 4.87 35.99
C4 TAR I . 8.77 4.58 35.72
O4 TAR I . 8.80 4.25 36.92
O41 TAR I . 9.81 4.48 35.02
C1 EDO J . -23.69 14.92 -45.33
O1 EDO J . -23.82 13.50 -45.32
C2 EDO J . -22.42 15.31 -46.05
O2 EDO J . -22.43 14.72 -47.36
O1 TAR K . 5.22 -8.60 -20.66
O11 TAR K . 4.57 -9.96 -22.23
C1 TAR K . 4.39 -8.92 -21.55
C2 TAR K . 3.19 -8.04 -21.80
O2 TAR K . 3.22 -7.56 -23.12
C3 TAR K . 1.93 -8.86 -21.59
O3 TAR K . 0.80 -8.10 -21.97
C4 TAR K . 1.82 -9.22 -20.13
O4 TAR K . 2.37 -8.50 -19.26
O41 TAR K . 1.19 -10.25 -19.77
C1 EDO L . 14.78 -11.42 -2.45
O1 EDO L . 13.68 -10.73 -1.85
C2 EDO L . 15.15 -10.76 -3.77
O2 EDO L . 14.11 -10.99 -4.73
O1 TAR M . -5.10 9.56 -35.08
O11 TAR M . -4.16 11.53 -35.05
C1 TAR M . -4.83 10.63 -34.47
C2 TAR M . -5.32 10.82 -33.05
O2 TAR M . -4.40 11.63 -32.36
C3 TAR M . -6.67 11.49 -33.04
O3 TAR M . -7.59 10.70 -33.74
C4 TAR M . -6.58 12.87 -33.66
O4 TAR M . -6.74 14.11 -33.82
O41 TAR M . -7.29 13.13 -32.66
O1 TAR N . 16.74 7.03 -15.28
O11 TAR N . 18.17 5.40 -15.00
C1 TAR N . 17.93 6.60 -15.29
C2 TAR N . 19.06 7.53 -15.65
O2 TAR N . 19.49 8.21 -14.49
C3 TAR N . 20.21 6.73 -16.22
O3 TAR N . 21.41 7.14 -15.63
C4 TAR N . 20.27 6.95 -17.72
O4 TAR N . 20.41 8.11 -18.18
O41 TAR N . 20.19 5.96 -18.49
#